data_2BEW
#
_entry.id   2BEW
#
_cell.length_a   144.560
_cell.length_b   144.560
_cell.length_c   69.492
_cell.angle_alpha   90.00
_cell.angle_beta   90.00
_cell.angle_gamma   120.00
#
_symmetry.space_group_name_H-M   'P 31 2 1'
#
loop_
_entity.id
_entity.type
_entity.pdbx_description
1 polymer '2-OXOISOVALERATE DEHYDROGENASE ALPHA SUBUNIT'
2 polymer '2-OXOISOVALERATE DEHYDROGENASE BETA SUBUNIT'
3 polymer 'PEPTIDE ALA-TYR-ARG'
4 non-polymer 'C2-1-HYDROXYPHENYL-THIAMIN DIPHOSPHATE'
5 non-polymer 'POTASSIUM ION'
6 non-polymer 'MANGANESE (II) ION'
7 non-polymer 'CHLORIDE ION'
8 non-polymer GLYCEROL
9 water water
#
loop_
_entity_poly.entity_id
_entity_poly.type
_entity_poly.pdbx_seq_one_letter_code
_entity_poly.pdbx_strand_id
1 'polypeptide(L)'
;SSLDDKPQFPGASAEFIDKLEFIQPNVISGIPIYRVMDRQGQIINPSEDPHLPKEKVLKLYKSMTLLNTMDRILYESQRQ
GRISFYMTNYGEEGTHVGSAAALDNTDLVFGQYREAGVLMYRDYPLELFMAQCYGNISDLGKGRQMPVHYGCKERHFVTI
SSPLATQIPQAVGAAYAAKRANANRVVICYFGEGAASEGDAHAGFNFAATLECPIIFFCRNNGYAISTPTSEQYRGDGIA
ARGPGYGIMSIRVDGNDVFAVYNATKEARRRAVAENQPFLIEAMTYRIGHHSTSDDSSAYRSVDEVNYWDKQDHPISRLR
HYLLSQGWWDEEQEKAWRKQSRRKVMEAFEQAERKPKPNPNLLFSDVYQEMPAQLRKQQESLARHLQTYGEHYPLDHFDK
;
A
2 'polypeptide(L)'
;VAHFTFQPDPEPREYGQTQKMNLFQSVTSALDNSLAKDPTAVIFGEDVAFGGVFRCTVGLRDKYGKDRVFNTPLCEQGIV
GFGIGIAVTGATAIAEIQFADYIFPAFDQIVNEAAKYRYRSGDLFNCGSLTIRSPWGCVGHGALYHSQSPEAFFAHCPGI
KVVIPRSPFQAKGLLLSCIEDKNPCIFFEPKILYRAAAEEVPIEPYNIPLSQAEVIQEGSDVTLVAWGTQVHVIREVASM
AKEKLGVSCEVIDLRTIIPWDVDTICKSVIKTGRLLISHEAPLTGGFASEISSTVQEECFLNLEAPISRVCGYDTPFPHI
FEPFYIPDKWKCYDALRKMINY
;
B
3 'polypeptide(L)' AYR C
#
loop_
_chem_comp.id
_chem_comp.type
_chem_comp.name
_chem_comp.formula
CL non-polymer 'CHLORIDE ION' 'Cl -1'
GOL non-polymer GLYCEROL 'C3 H8 O3'
K non-polymer 'POTASSIUM ION' 'K 1'
MN non-polymer 'MANGANESE (II) ION' 'Mn 2'
THW non-polymer 'C2-1-HYDROXYPHENYL-THIAMIN DIPHOSPHATE' 'C19 H24 N4 O8 P2 S'
#
# COMPACT_ATOMS: atom_id res chain seq x y z
N LYS A 6 -28.20 -16.21 -29.93
CA LYS A 6 -27.84 -15.90 -31.33
C LYS A 6 -26.51 -15.11 -31.51
N PRO A 7 -26.28 -13.96 -30.84
CA PRO A 7 -24.92 -13.41 -30.83
C PRO A 7 -23.99 -14.43 -30.24
N GLN A 8 -22.74 -14.46 -30.70
CA GLN A 8 -21.82 -15.48 -30.26
C GLN A 8 -20.60 -14.94 -29.50
N PHE A 9 -20.56 -13.63 -29.25
CA PHE A 9 -19.33 -12.99 -28.78
C PHE A 9 -18.99 -13.37 -27.36
N PRO A 10 -17.71 -13.64 -27.08
CA PRO A 10 -17.30 -14.03 -25.73
C PRO A 10 -17.52 -12.93 -24.68
N GLY A 11 -17.42 -11.66 -25.09
CA GLY A 11 -17.37 -10.61 -24.07
C GLY A 11 -18.71 -10.20 -23.44
N ALA A 12 -19.83 -10.65 -23.97
CA ALA A 12 -21.13 -10.24 -23.41
C ALA A 12 -22.17 -11.27 -23.76
N SER A 13 -23.22 -11.34 -22.96
CA SER A 13 -24.36 -12.22 -23.17
C SER A 13 -25.54 -11.29 -23.50
N ALA A 14 -26.06 -11.36 -24.71
CA ALA A 14 -27.03 -10.39 -25.13
C ALA A 14 -27.76 -10.87 -26.39
N GLU A 15 -28.87 -10.21 -26.72
CA GLU A 15 -29.58 -10.47 -27.97
C GLU A 15 -29.10 -9.47 -28.99
N PHE A 16 -29.46 -9.66 -30.26
CA PHE A 16 -29.22 -8.63 -31.28
C PHE A 16 -30.31 -7.57 -31.16
N ILE A 17 -30.03 -6.37 -31.60
CA ILE A 17 -31.15 -5.42 -31.83
C ILE A 17 -31.01 -4.87 -33.23
N ASP A 18 -32.12 -4.65 -33.93
CA ASP A 18 -32.01 -4.22 -35.32
C ASP A 18 -32.24 -2.71 -35.51
N LYS A 19 -32.35 -1.96 -34.42
CA LYS A 19 -32.45 -0.49 -34.48
C LYS A 19 -31.43 0.21 -33.62
N LEU A 20 -31.00 1.39 -34.04
CA LEU A 20 -29.89 2.10 -33.36
C LEU A 20 -30.49 2.87 -32.21
N GLU A 21 -30.04 2.61 -30.99
CA GLU A 21 -30.62 3.17 -29.78
C GLU A 21 -29.51 3.30 -28.74
N PHE A 22 -29.14 4.53 -28.37
CA PHE A 22 -28.19 4.73 -27.33
C PHE A 22 -28.87 4.50 -26.00
N ILE A 23 -28.10 4.03 -25.03
CA ILE A 23 -28.61 3.78 -23.69
C ILE A 23 -28.38 5.09 -22.96
N GLN A 24 -29.46 5.63 -22.39
CA GLN A 24 -29.39 6.86 -21.63
C GLN A 24 -29.33 6.56 -20.14
N PRO A 25 -28.50 7.31 -19.42
CA PRO A 25 -28.41 7.21 -17.97
C PRO A 25 -29.67 7.79 -17.35
N ASN A 26 -30.17 7.21 -16.25
CA ASN A 26 -31.30 7.77 -15.52
C ASN A 26 -30.76 8.57 -14.34
N VAL A 27 -30.59 9.87 -14.52
CA VAL A 27 -29.92 10.65 -13.48
C VAL A 27 -30.93 11.52 -12.70
N ILE A 28 -31.90 12.10 -13.42
CA ILE A 28 -32.98 12.85 -12.78
C ILE A 28 -33.80 11.96 -11.85
N SER A 29 -34.06 10.71 -12.27
CA SER A 29 -34.77 9.71 -11.44
C SER A 29 -33.81 8.62 -11.10
N GLY A 30 -32.92 8.89 -10.17
CA GLY A 30 -31.92 7.92 -9.87
C GLY A 30 -32.42 6.84 -8.96
N ILE A 31 -31.47 6.06 -8.48
CA ILE A 31 -31.75 4.91 -7.63
C ILE A 31 -32.36 5.50 -6.38
N PRO A 32 -33.50 4.95 -5.92
CA PRO A 32 -34.19 5.59 -4.82
C PRO A 32 -33.40 5.45 -3.51
N ILE A 33 -33.75 6.28 -2.52
CA ILE A 33 -33.05 6.37 -1.25
C ILE A 33 -33.87 5.60 -0.21
N TYR A 34 -33.32 4.48 0.25
CA TYR A 34 -33.99 3.70 1.26
C TYR A 34 -34.03 4.41 2.61
N ARG A 35 -35.25 4.49 3.18
N ARG A 35 -35.21 4.50 3.24
CA ARG A 35 -35.55 5.17 4.42
CA ARG A 35 -35.30 5.16 4.52
C ARG A 35 -36.34 4.21 5.33
C ARG A 35 -36.38 4.47 5.35
N VAL A 36 -36.09 4.27 6.64
CA VAL A 36 -36.86 3.48 7.61
C VAL A 36 -37.67 4.39 8.55
N MET A 37 -37.05 5.49 8.98
CA MET A 37 -37.74 6.34 9.90
C MET A 37 -37.74 7.75 9.39
N ASP A 38 -38.82 8.49 9.65
CA ASP A 38 -38.88 9.83 9.11
C ASP A 38 -38.06 10.78 9.94
N ARG A 39 -38.10 12.08 9.63
CA ARG A 39 -37.25 13.03 10.35
C ARG A 39 -37.72 13.24 11.79
N GLN A 40 -38.93 12.82 12.09
CA GLN A 40 -39.44 12.82 13.48
C GLN A 40 -39.25 11.50 14.23
N GLY A 41 -38.41 10.59 13.71
CA GLY A 41 -38.10 9.34 14.39
C GLY A 41 -39.21 8.31 14.31
N GLN A 42 -40.11 8.52 13.37
CA GLN A 42 -41.21 7.58 13.21
C GLN A 42 -40.91 6.52 12.15
N ILE A 43 -41.16 5.25 12.46
CA ILE A 43 -41.02 4.13 11.51
C ILE A 43 -42.09 4.25 10.44
N ILE A 44 -41.68 4.27 9.19
CA ILE A 44 -42.56 4.45 8.07
C ILE A 44 -43.23 3.14 7.64
N ASN A 45 -42.49 2.04 7.62
CA ASN A 45 -43.01 0.76 7.12
C ASN A 45 -42.71 -0.33 8.17
N PRO A 46 -43.70 -0.77 8.96
CA PRO A 46 -43.40 -1.73 10.03
C PRO A 46 -42.62 -2.96 9.59
N SER A 47 -42.81 -3.42 8.37
CA SER A 47 -42.08 -4.57 7.88
C SER A 47 -40.54 -4.34 7.77
N GLU A 48 -40.09 -3.08 7.85
CA GLU A 48 -38.68 -2.72 7.72
C GLU A 48 -38.06 -2.38 9.07
N ASP A 49 -38.84 -2.38 10.13
CA ASP A 49 -38.31 -2.04 11.43
C ASP A 49 -37.40 -3.19 11.92
N PRO A 50 -36.12 -2.93 12.26
CA PRO A 50 -35.27 -4.01 12.70
C PRO A 50 -35.56 -4.44 14.12
N HIS A 51 -36.42 -3.71 14.80
CA HIS A 51 -36.69 -3.93 16.22
C HIS A 51 -35.41 -4.29 17.02
N LEU A 52 -34.40 -3.43 16.98
CA LEU A 52 -33.16 -3.59 17.72
C LEU A 52 -33.53 -3.38 19.18
N PRO A 53 -32.91 -4.14 20.06
CA PRO A 53 -33.23 -4.05 21.48
C PRO A 53 -32.80 -2.73 22.08
N LYS A 54 -33.46 -2.32 23.15
CA LYS A 54 -33.17 -1.06 23.81
C LYS A 54 -31.70 -0.74 24.10
N GLU A 55 -30.97 -1.70 24.67
CA GLU A 55 -29.56 -1.46 25.05
C GLU A 55 -28.72 -1.18 23.85
N LYS A 56 -29.01 -1.83 22.76
CA LYS A 56 -28.25 -1.56 21.52
C LYS A 56 -28.61 -0.21 20.89
N VAL A 57 -29.89 0.13 20.87
CA VAL A 57 -30.25 1.43 20.34
C VAL A 57 -29.67 2.53 21.24
N LEU A 58 -29.67 2.32 22.56
CA LEU A 58 -29.00 3.30 23.45
C LEU A 58 -27.51 3.40 23.20
N LYS A 59 -26.88 2.29 22.87
CA LYS A 59 -25.45 2.34 22.51
C LYS A 59 -25.22 3.11 21.19
N LEU A 60 -26.12 2.97 20.22
CA LEU A 60 -25.99 3.77 18.98
C LEU A 60 -26.04 5.22 19.37
N TYR A 61 -26.99 5.58 20.23
CA TYR A 61 -27.18 6.96 20.54
C TYR A 61 -26.03 7.54 21.36
N LYS A 62 -25.64 6.82 22.39
CA LYS A 62 -24.52 7.28 23.21
C LYS A 62 -23.22 7.36 22.45
N SER A 63 -22.97 6.44 21.53
CA SER A 63 -21.76 6.49 20.71
C SER A 63 -21.75 7.75 19.87
N MET A 64 -22.88 8.09 19.25
N MET A 64 -22.86 8.07 19.24
CA MET A 64 -22.94 9.27 18.39
CA MET A 64 -22.87 9.25 18.37
C MET A 64 -22.70 10.55 19.14
C MET A 64 -22.67 10.55 19.15
N THR A 65 -23.28 10.63 20.34
CA THR A 65 -23.16 11.87 21.14
C THR A 65 -21.82 11.96 21.88
N LEU A 66 -21.23 10.83 22.29
CA LEU A 66 -19.87 10.88 22.85
C LEU A 66 -18.86 11.28 21.77
N LEU A 67 -19.06 10.79 20.55
CA LEU A 67 -18.26 11.26 19.41
C LEU A 67 -18.41 12.77 19.18
N ASN A 68 -19.67 13.23 19.13
CA ASN A 68 -19.92 14.65 19.00
C ASN A 68 -19.28 15.50 20.09
N THR A 69 -19.33 15.07 21.35
CA THR A 69 -18.65 15.75 22.48
C THR A 69 -17.14 15.83 22.26
N MET A 70 -16.57 14.73 21.79
CA MET A 70 -15.12 14.64 21.59
C MET A 70 -14.73 15.54 20.44
N ASP A 71 -15.51 15.47 19.37
CA ASP A 71 -15.24 16.38 18.21
C ASP A 71 -15.22 17.85 18.60
N ARG A 72 -16.20 18.28 19.37
CA ARG A 72 -16.24 19.72 19.79
C ARG A 72 -14.99 20.13 20.58
N ILE A 73 -14.58 19.27 21.52
CA ILE A 73 -13.40 19.56 22.36
C ILE A 73 -12.10 19.54 21.56
N LEU A 74 -11.92 18.51 20.73
CA LEU A 74 -10.70 18.44 19.92
C LEU A 74 -10.62 19.53 18.83
N TYR A 75 -11.77 19.89 18.23
CA TYR A 75 -11.75 20.99 17.29
C TYR A 75 -11.25 22.24 18.06
N GLU A 76 -11.83 22.52 19.22
CA GLU A 76 -11.34 23.67 20.02
C GLU A 76 -9.86 23.56 20.34
N SER A 77 -9.40 22.36 20.63
CA SER A 77 -7.98 22.17 21.04
C SER A 77 -7.08 22.54 19.84
N GLN A 78 -7.53 22.21 18.63
CA GLN A 78 -6.78 22.55 17.46
C GLN A 78 -6.75 24.04 17.25
N ARG A 79 -7.88 24.69 17.35
CA ARG A 79 -7.93 26.15 17.23
C ARG A 79 -6.99 26.86 18.18
N GLN A 80 -6.71 26.25 19.33
CA GLN A 80 -5.80 26.85 20.32
C GLN A 80 -4.33 26.49 20.10
N GLY A 81 -4.05 25.57 19.21
CA GLY A 81 -2.67 25.18 18.86
C GLY A 81 -2.21 24.04 19.73
N ARG A 82 -3.14 23.37 20.44
CA ARG A 82 -2.76 22.28 21.33
C ARG A 82 -2.56 20.93 20.63
N ILE A 83 -3.32 20.69 19.57
CA ILE A 83 -3.03 19.64 18.56
C ILE A 83 -2.93 20.27 17.20
N SER A 84 -2.28 19.56 16.27
CA SER A 84 -1.88 20.23 15.03
C SER A 84 -2.96 20.26 13.97
N PHE A 85 -4.00 19.42 14.09
CA PHE A 85 -4.99 19.25 13.01
C PHE A 85 -6.16 18.49 13.59
N TYR A 86 -7.36 18.68 13.04
CA TYR A 86 -8.49 17.83 13.41
C TYR A 86 -9.53 17.81 12.28
N MET A 87 -10.36 16.76 12.25
CA MET A 87 -11.45 16.64 11.30
C MET A 87 -12.63 16.15 12.07
N THR A 88 -13.73 16.89 12.01
CA THR A 88 -14.96 16.44 12.68
C THR A 88 -15.83 15.51 11.83
N ASN A 89 -16.81 14.91 12.52
CA ASN A 89 -17.73 13.92 11.94
C ASN A 89 -19.16 14.40 11.84
N TYR A 90 -19.37 15.72 11.97
CA TYR A 90 -20.75 16.25 12.12
C TYR A 90 -21.66 15.93 10.97
N GLY A 91 -22.80 15.36 11.29
CA GLY A 91 -23.79 15.06 10.28
C GLY A 91 -23.70 13.64 9.78
N GLU A 92 -22.54 13.01 10.01
CA GLU A 92 -22.27 11.69 9.44
C GLU A 92 -22.19 10.62 10.52
N GLU A 93 -22.57 10.98 11.75
CA GLU A 93 -22.43 10.04 12.86
C GLU A 93 -23.35 8.83 12.73
N GLY A 94 -24.48 9.00 12.05
CA GLY A 94 -25.40 7.87 11.84
C GLY A 94 -24.84 6.83 10.89
N THR A 95 -24.09 7.25 9.88
CA THR A 95 -23.56 6.30 8.94
C THR A 95 -22.58 5.43 9.67
N HIS A 96 -21.79 6.02 10.60
CA HIS A 96 -20.78 5.20 11.29
C HIS A 96 -21.37 4.20 12.24
N VAL A 97 -22.27 4.62 13.13
CA VAL A 97 -22.76 3.66 14.13
C VAL A 97 -23.78 2.68 13.57
N GLY A 98 -24.62 3.10 12.63
CA GLY A 98 -25.59 2.19 12.01
C GLY A 98 -24.88 1.06 11.29
N SER A 99 -23.80 1.40 10.58
CA SER A 99 -23.08 0.35 9.92
C SER A 99 -22.28 -0.49 10.84
N ALA A 100 -21.60 0.13 11.80
CA ALA A 100 -20.74 -0.68 12.66
C ALA A 100 -21.59 -1.64 13.50
N ALA A 101 -22.80 -1.24 13.87
CA ALA A 101 -23.64 -2.14 14.69
C ALA A 101 -24.09 -3.41 13.94
N ALA A 102 -24.01 -3.37 12.62
CA ALA A 102 -24.47 -4.49 11.80
C ALA A 102 -23.33 -5.42 11.50
N LEU A 103 -22.11 -5.06 11.90
CA LEU A 103 -20.97 -5.91 11.62
C LEU A 103 -20.73 -6.85 12.77
N ASP A 104 -20.02 -7.94 12.48
N ASP A 104 -20.06 -7.97 12.50
CA ASP A 104 -19.42 -8.77 13.52
CA ASP A 104 -19.55 -8.79 13.56
C ASP A 104 -18.27 -7.99 14.10
C ASP A 104 -18.30 -8.06 14.09
N ASN A 105 -18.03 -8.20 15.39
CA ASN A 105 -16.88 -7.58 16.07
C ASN A 105 -15.57 -7.80 15.39
N THR A 106 -15.37 -8.98 14.80
CA THR A 106 -14.11 -9.27 14.16
C THR A 106 -14.06 -9.01 12.67
N ASP A 107 -15.10 -8.42 12.09
CA ASP A 107 -15.02 -8.03 10.68
C ASP A 107 -14.00 -6.94 10.53
N LEU A 108 -13.18 -7.02 9.48
CA LEU A 108 -12.07 -6.06 9.29
C LEU A 108 -12.54 -4.77 8.64
N VAL A 109 -12.16 -3.61 9.20
CA VAL A 109 -12.58 -2.30 8.68
C VAL A 109 -11.37 -1.57 8.06
N PHE A 110 -11.58 -1.08 6.85
CA PHE A 110 -10.71 -0.09 6.21
C PHE A 110 -11.51 1.16 6.06
N GLY A 111 -10.86 2.30 6.31
CA GLY A 111 -11.57 3.57 6.20
C GLY A 111 -10.78 4.66 5.55
N GLN A 112 -11.28 5.89 5.70
CA GLN A 112 -10.76 7.04 4.98
C GLN A 112 -10.19 8.03 5.95
N TYR A 113 -11.01 8.47 6.92
CA TYR A 113 -10.63 9.42 8.01
C TYR A 113 -11.85 10.00 8.68
N ARG A 114 -13.03 9.80 8.10
CA ARG A 114 -14.20 10.39 8.70
C ARG A 114 -15.17 9.32 9.11
N GLU A 115 -14.66 8.32 9.87
CA GLU A 115 -15.40 7.12 10.29
C GLU A 115 -15.08 6.79 11.76
N ALA A 116 -14.71 7.82 12.53
CA ALA A 116 -14.30 7.55 13.94
C ALA A 116 -15.41 6.99 14.78
N GLY A 117 -16.66 7.19 14.39
CA GLY A 117 -17.77 6.58 15.17
C GLY A 117 -17.75 5.04 15.14
N VAL A 118 -17.14 4.46 14.10
CA VAL A 118 -17.05 3.00 14.04
C VAL A 118 -16.12 2.52 15.15
N LEU A 119 -14.97 3.16 15.31
CA LEU A 119 -14.11 2.84 16.47
C LEU A 119 -14.80 3.13 17.78
N MET A 120 -15.53 4.25 17.89
CA MET A 120 -16.22 4.55 19.16
C MET A 120 -17.21 3.42 19.48
N TYR A 121 -17.93 2.95 18.48
CA TYR A 121 -18.91 1.85 18.72
C TYR A 121 -18.23 0.58 19.19
N ARG A 122 -17.04 0.32 18.67
CA ARG A 122 -16.20 -0.81 19.07
C ARG A 122 -15.38 -0.57 20.33
N ASP A 123 -15.72 0.49 21.04
CA ASP A 123 -15.24 0.77 22.40
C ASP A 123 -13.79 1.14 22.45
N TYR A 124 -13.30 1.81 21.40
CA TYR A 124 -11.94 2.31 21.44
C TYR A 124 -11.86 3.37 22.52
N PRO A 125 -10.84 3.30 23.37
CA PRO A 125 -10.79 4.20 24.51
C PRO A 125 -10.57 5.67 24.14
N LEU A 126 -11.26 6.57 24.81
CA LEU A 126 -10.99 7.99 24.65
C LEU A 126 -9.50 8.30 24.78
N GLU A 127 -8.84 7.64 25.72
CA GLU A 127 -7.40 7.89 25.91
C GLU A 127 -6.61 7.64 24.61
N LEU A 128 -7.06 6.69 23.79
CA LEU A 128 -6.29 6.33 22.59
C LEU A 128 -6.63 7.21 21.40
N PHE A 129 -7.88 7.67 21.31
CA PHE A 129 -8.17 8.69 20.28
C PHE A 129 -7.30 9.89 20.59
N MET A 130 -7.28 10.28 21.89
CA MET A 130 -6.56 11.52 22.21
C MET A 130 -5.04 11.28 22.13
N ALA A 131 -4.52 10.09 22.44
CA ALA A 131 -3.06 9.84 22.32
C ALA A 131 -2.59 9.99 20.89
N GLN A 132 -3.44 9.57 19.95
CA GLN A 132 -3.03 9.66 18.57
C GLN A 132 -3.04 11.14 18.15
N CYS A 133 -4.07 11.88 18.55
CA CYS A 133 -4.10 13.33 18.13
C CYS A 133 -2.98 14.14 18.74
N TYR A 134 -2.56 13.78 19.96
CA TYR A 134 -1.45 14.45 20.63
C TYR A 134 -0.08 13.88 20.27
N GLY A 135 -0.05 12.71 19.61
CA GLY A 135 1.28 12.10 19.35
C GLY A 135 2.02 11.75 20.62
N ASN A 136 1.31 11.33 21.66
CA ASN A 136 1.99 11.12 22.97
C ASN A 136 2.48 9.67 23.22
N ILE A 137 3.09 9.40 24.38
CA ILE A 137 3.72 8.08 24.60
C ILE A 137 2.74 6.94 24.61
N SER A 138 1.46 7.23 24.82
CA SER A 138 0.43 6.19 24.82
C SER A 138 -0.05 5.84 23.42
N ASP A 139 0.41 6.57 22.39
CA ASP A 139 -0.12 6.33 21.05
C ASP A 139 0.56 5.03 20.52
N LEU A 140 -0.21 4.02 20.11
CA LEU A 140 0.46 2.83 19.59
C LEU A 140 1.01 3.12 18.20
N GLY A 141 0.57 4.21 17.59
CA GLY A 141 1.16 4.68 16.36
C GLY A 141 2.46 5.46 16.52
N LYS A 142 2.93 5.62 17.75
CA LYS A 142 4.23 6.20 18.07
C LYS A 142 4.39 7.63 17.59
N GLY A 143 3.26 8.31 17.48
CA GLY A 143 3.27 9.76 17.19
C GLY A 143 3.63 10.07 15.74
N ARG A 144 3.62 9.05 14.90
CA ARG A 144 4.21 9.23 13.56
C ARG A 144 3.30 9.86 12.54
N GLN A 145 2.00 9.65 12.68
CA GLN A 145 1.02 10.24 11.67
C GLN A 145 0.29 11.45 12.19
N MET A 146 -0.27 12.25 11.27
N MET A 146 -0.26 12.28 11.29
CA MET A 146 -1.16 13.36 11.61
CA MET A 146 -1.05 13.42 11.73
C MET A 146 -2.30 12.90 12.50
C MET A 146 -2.32 12.95 12.44
N PRO A 147 -2.91 13.81 13.26
CA PRO A 147 -4.13 13.50 14.01
C PRO A 147 -5.25 12.92 13.17
N VAL A 148 -6.09 12.14 13.84
CA VAL A 148 -7.25 11.40 13.26
C VAL A 148 -6.88 10.22 12.35
N HIS A 149 -5.59 9.86 12.35
CA HIS A 149 -5.17 8.72 11.56
C HIS A 149 -5.08 7.50 12.48
N TYR A 150 -6.25 7.09 12.90
CA TYR A 150 -6.41 6.06 13.92
C TYR A 150 -6.24 4.66 13.35
N GLY A 151 -5.87 3.73 14.22
CA GLY A 151 -5.80 2.31 13.83
C GLY A 151 -5.84 1.50 15.12
N CYS A 152 -6.36 0.27 15.05
CA CYS A 152 -6.43 -0.56 16.23
C CYS A 152 -6.43 -1.99 15.78
N LYS A 153 -5.38 -2.73 16.10
CA LYS A 153 -5.31 -4.13 15.69
C LYS A 153 -6.30 -4.96 16.50
N GLU A 154 -6.45 -4.67 17.78
CA GLU A 154 -7.35 -5.40 18.65
C GLU A 154 -8.83 -5.31 18.19
N ARG A 155 -9.24 -4.16 17.66
CA ARG A 155 -10.60 -3.95 17.18
C ARG A 155 -10.69 -3.99 15.65
N HIS A 156 -9.67 -4.50 14.95
CA HIS A 156 -9.82 -4.85 13.52
C HIS A 156 -10.16 -3.63 12.69
N PHE A 157 -9.47 -2.55 13.00
CA PHE A 157 -9.64 -1.26 12.28
C PHE A 157 -8.28 -0.89 11.73
N VAL A 158 -8.10 -1.01 10.40
CA VAL A 158 -6.74 -0.88 9.80
C VAL A 158 -6.37 0.58 9.84
N THR A 159 -5.13 0.89 10.23
CA THR A 159 -4.68 2.30 10.26
C THR A 159 -5.02 3.10 9.01
N ILE A 160 -5.63 4.27 9.28
CA ILE A 160 -5.99 5.23 8.27
C ILE A 160 -4.74 5.82 7.65
N SER A 161 -4.77 6.11 6.34
CA SER A 161 -3.70 6.87 5.73
C SER A 161 -4.28 8.00 4.88
N SER A 162 -3.55 9.09 4.67
CA SER A 162 -4.11 10.24 3.98
C SER A 162 -4.40 10.02 2.47
N PRO A 163 -3.58 9.29 1.73
CA PRO A 163 -3.87 9.13 0.30
C PRO A 163 -5.23 8.53 0.05
N LEU A 164 -6.09 9.24 -0.71
CA LEU A 164 -7.44 8.81 -0.83
C LEU A 164 -7.55 7.55 -1.72
N ALA A 165 -8.49 6.69 -1.32
CA ALA A 165 -8.92 5.49 -2.04
C ALA A 165 -7.93 4.37 -2.05
N THR A 166 -6.71 4.57 -1.51
CA THR A 166 -5.77 3.47 -1.61
C THR A 166 -6.20 2.23 -0.90
N GLN A 167 -7.05 2.41 0.10
CA GLN A 167 -7.52 1.27 0.89
C GLN A 167 -8.53 0.46 0.19
N ILE A 168 -9.07 0.97 -0.93
CA ILE A 168 -10.15 0.24 -1.62
C ILE A 168 -9.62 -1.10 -2.21
N PRO A 169 -8.62 -1.09 -3.09
CA PRO A 169 -8.14 -2.41 -3.54
C PRO A 169 -7.47 -3.24 -2.45
N GLN A 170 -6.89 -2.56 -1.44
CA GLN A 170 -6.35 -3.31 -0.26
C GLN A 170 -7.42 -4.07 0.48
N ALA A 171 -8.55 -3.41 0.70
CA ALA A 171 -9.64 -4.09 1.38
C ALA A 171 -10.06 -5.32 0.60
N VAL A 172 -10.08 -5.21 -0.73
CA VAL A 172 -10.47 -6.36 -1.56
C VAL A 172 -9.48 -7.52 -1.38
N GLY A 173 -8.18 -7.22 -1.34
CA GLY A 173 -7.20 -8.30 -1.10
C GLY A 173 -7.38 -8.97 0.27
N ALA A 174 -7.67 -8.16 1.30
CA ALA A 174 -7.90 -8.76 2.64
C ALA A 174 -9.15 -9.60 2.61
N ALA A 175 -10.14 -9.19 1.81
CA ALA A 175 -11.38 -10.04 1.68
C ALA A 175 -11.11 -11.35 0.93
N TYR A 176 -10.26 -11.31 -0.09
CA TYR A 176 -9.89 -12.55 -0.84
C TYR A 176 -9.19 -13.50 0.14
N ALA A 177 -8.33 -12.95 0.99
CA ALA A 177 -7.58 -13.76 1.93
C ALA A 177 -8.50 -14.37 2.94
N ALA A 178 -9.50 -13.60 3.36
CA ALA A 178 -10.47 -14.15 4.33
C ALA A 178 -11.25 -15.27 3.71
N LYS A 179 -11.60 -15.11 2.43
CA LYS A 179 -12.33 -16.20 1.76
C LYS A 179 -11.52 -17.48 1.77
N ARG A 180 -10.24 -17.37 1.40
CA ARG A 180 -9.35 -18.52 1.37
C ARG A 180 -9.23 -19.15 2.74
N ALA A 181 -9.18 -18.34 3.78
CA ALA A 181 -8.96 -18.85 5.10
C ALA A 181 -10.22 -19.48 5.69
N ASN A 182 -11.28 -19.45 4.92
CA ASN A 182 -12.58 -19.94 5.39
C ASN A 182 -13.01 -19.22 6.64
N ALA A 183 -12.80 -17.90 6.64
CA ALA A 183 -12.96 -17.06 7.84
C ALA A 183 -14.42 -16.88 8.38
N ASN A 184 -15.44 -16.91 7.50
CA ASN A 184 -16.78 -16.42 7.88
C ASN A 184 -16.71 -14.94 8.43
N ARG A 185 -15.91 -14.16 7.75
CA ARG A 185 -15.69 -12.77 8.10
C ARG A 185 -15.91 -11.95 6.83
N VAL A 186 -16.31 -10.70 6.99
N VAL A 186 -16.38 -10.72 6.99
CA VAL A 186 -16.47 -9.78 5.88
CA VAL A 186 -16.51 -9.77 5.86
C VAL A 186 -15.52 -8.62 6.11
C VAL A 186 -15.47 -8.67 6.09
N VAL A 187 -15.14 -7.95 5.03
CA VAL A 187 -14.32 -6.72 5.16
C VAL A 187 -15.26 -5.61 4.76
N ILE A 188 -15.21 -4.46 5.45
CA ILE A 188 -15.95 -3.30 5.00
C ILE A 188 -14.94 -2.24 4.70
N CYS A 189 -15.22 -1.45 3.66
CA CYS A 189 -14.28 -0.44 3.19
C CYS A 189 -15.07 0.86 2.99
N TYR A 190 -14.78 1.86 3.82
CA TYR A 190 -15.49 3.14 3.74
C TYR A 190 -14.67 4.18 2.94
N PHE A 191 -15.39 5.00 2.20
CA PHE A 191 -14.69 6.06 1.43
C PHE A 191 -15.74 7.12 1.10
N GLY A 192 -15.29 8.32 0.74
CA GLY A 192 -16.25 9.38 0.39
C GLY A 192 -16.49 9.45 -1.10
N GLU A 193 -17.38 10.35 -1.52
CA GLU A 193 -17.69 10.40 -2.92
C GLU A 193 -16.62 11.02 -3.80
N GLY A 194 -15.82 11.92 -3.25
CA GLY A 194 -14.69 12.45 -3.95
C GLY A 194 -13.67 11.34 -4.12
N ALA A 195 -13.33 10.62 -3.06
CA ALA A 195 -12.35 9.49 -3.20
C ALA A 195 -12.78 8.48 -4.29
N ALA A 196 -14.07 8.32 -4.54
CA ALA A 196 -14.55 7.33 -5.47
C ALA A 196 -14.17 7.70 -6.90
N SER A 197 -13.71 8.94 -7.10
CA SER A 197 -13.24 9.36 -8.46
C SER A 197 -11.84 8.84 -8.71
N GLU A 198 -11.13 8.33 -7.69
CA GLU A 198 -9.76 7.88 -7.95
C GLU A 198 -9.70 6.59 -8.75
N GLY A 199 -8.61 6.39 -9.50
CA GLY A 199 -8.44 5.12 -10.26
C GLY A 199 -8.48 3.87 -9.36
N ASP A 200 -8.01 4.02 -8.13
CA ASP A 200 -8.05 2.88 -7.18
C ASP A 200 -9.45 2.41 -6.82
N ALA A 201 -10.48 3.26 -6.95
CA ALA A 201 -11.83 2.78 -6.75
C ALA A 201 -12.28 1.87 -7.87
N HIS A 202 -11.93 2.21 -9.11
CA HIS A 202 -12.25 1.33 -10.24
C HIS A 202 -11.50 -0.01 -10.15
N ALA A 203 -10.23 0.03 -9.70
CA ALA A 203 -9.44 -1.16 -9.45
C ALA A 203 -10.18 -2.04 -8.41
N GLY A 204 -10.44 -1.48 -7.23
CA GLY A 204 -11.09 -2.32 -6.19
C GLY A 204 -12.46 -2.85 -6.57
N PHE A 205 -13.32 -2.02 -7.16
CA PHE A 205 -14.66 -2.52 -7.52
C PHE A 205 -14.56 -3.70 -8.46
N ASN A 206 -13.73 -3.58 -9.52
CA ASN A 206 -13.68 -4.64 -10.50
C ASN A 206 -13.03 -5.88 -9.92
N PHE A 207 -11.94 -5.74 -9.20
CA PHE A 207 -11.30 -6.93 -8.61
C PHE A 207 -12.23 -7.65 -7.68
N ALA A 208 -13.00 -6.93 -6.87
CA ALA A 208 -13.88 -7.63 -5.90
C ALA A 208 -14.93 -8.47 -6.60
N ALA A 209 -15.45 -7.97 -7.72
CA ALA A 209 -16.41 -8.72 -8.52
C ALA A 209 -15.76 -9.91 -9.22
N THR A 210 -14.65 -9.73 -9.94
CA THR A 210 -14.10 -10.83 -10.70
C THR A 210 -13.42 -11.87 -9.86
N LEU A 211 -12.86 -11.48 -8.71
CA LEU A 211 -12.26 -12.47 -7.77
C LEU A 211 -13.21 -12.96 -6.69
N GLU A 212 -14.48 -12.50 -6.71
CA GLU A 212 -15.56 -12.97 -5.84
C GLU A 212 -15.22 -12.83 -4.37
N CYS A 213 -15.17 -11.60 -3.90
CA CYS A 213 -14.67 -11.33 -2.56
C CYS A 213 -15.80 -10.87 -1.66
N PRO A 214 -15.80 -11.30 -0.38
CA PRO A 214 -16.82 -10.93 0.62
C PRO A 214 -16.50 -9.54 1.24
N ILE A 215 -16.87 -8.51 0.50
CA ILE A 215 -16.57 -7.10 0.88
C ILE A 215 -17.78 -6.22 0.69
N ILE A 216 -18.02 -5.38 1.69
CA ILE A 216 -18.98 -4.26 1.54
C ILE A 216 -18.19 -2.97 1.28
N PHE A 217 -18.49 -2.32 0.17
CA PHE A 217 -18.00 -0.96 -0.16
C PHE A 217 -19.03 -0.01 0.36
N PHE A 218 -18.58 0.90 1.24
CA PHE A 218 -19.51 1.83 1.88
C PHE A 218 -19.12 3.24 1.54
N CYS A 219 -19.91 3.92 0.70
CA CYS A 219 -19.56 5.26 0.27
C CYS A 219 -20.39 6.27 1.06
N ARG A 220 -19.73 7.17 1.80
CA ARG A 220 -20.40 8.30 2.41
C ARG A 220 -20.48 9.40 1.39
N ASN A 221 -21.68 9.67 0.85
CA ASN A 221 -21.83 10.75 -0.10
C ASN A 221 -22.41 11.98 0.63
N ASN A 222 -21.52 12.95 0.93
CA ASN A 222 -21.87 14.05 1.83
C ASN A 222 -21.91 15.36 1.08
N GLY A 223 -21.92 15.27 -0.25
CA GLY A 223 -22.23 16.37 -1.15
C GLY A 223 -21.04 17.22 -1.60
N TYR A 224 -19.93 17.07 -0.91
CA TYR A 224 -18.72 17.90 -1.12
C TYR A 224 -17.49 17.11 -0.89
N ALA A 225 -16.44 17.47 -1.64
CA ALA A 225 -15.12 16.94 -1.41
C ALA A 225 -14.31 18.23 -1.26
N ILE A 226 -13.97 18.59 -0.02
CA ILE A 226 -13.49 19.96 0.26
C ILE A 226 -14.43 21.00 -0.31
N SER A 227 -14.00 21.74 -1.34
CA SER A 227 -14.84 22.78 -1.92
C SER A 227 -15.65 22.34 -3.10
N THR A 228 -15.44 21.11 -3.56
CA THR A 228 -16.01 20.67 -4.84
C THR A 228 -17.36 20.02 -4.63
N PRO A 229 -18.42 20.59 -5.20
CA PRO A 229 -19.71 20.00 -5.07
C PRO A 229 -19.83 18.75 -5.98
N THR A 230 -20.84 17.91 -5.78
CA THR A 230 -20.86 16.67 -6.56
C THR A 230 -21.14 16.96 -8.03
N SER A 231 -21.62 18.17 -8.36
CA SER A 231 -21.88 18.46 -9.73
C SER A 231 -20.58 18.57 -10.53
N GLU A 232 -19.47 18.78 -9.81
CA GLU A 232 -18.18 18.80 -10.48
C GLU A 232 -17.38 17.53 -10.23
N GLN A 233 -17.98 16.57 -9.51
CA GLN A 233 -17.34 15.31 -9.18
C GLN A 233 -17.71 14.16 -10.12
N TYR A 234 -18.95 14.18 -10.60
CA TYR A 234 -19.46 13.12 -11.49
C TYR A 234 -20.70 13.62 -12.14
N ARG A 235 -21.18 12.88 -13.15
CA ARG A 235 -22.38 13.29 -13.87
C ARG A 235 -23.36 12.16 -14.00
N GLY A 236 -22.98 10.99 -13.53
CA GLY A 236 -23.96 9.90 -13.43
C GLY A 236 -24.77 10.00 -12.14
N ASP A 237 -25.52 8.95 -11.87
CA ASP A 237 -26.45 8.96 -10.72
C ASP A 237 -25.64 8.52 -9.50
N GLY A 238 -24.75 9.40 -9.11
CA GLY A 238 -24.02 9.14 -7.87
C GLY A 238 -23.08 7.95 -7.97
N ILE A 239 -22.72 7.42 -6.82
CA ILE A 239 -21.81 6.25 -6.77
C ILE A 239 -22.61 4.95 -6.86
N ALA A 240 -23.84 4.90 -6.33
CA ALA A 240 -24.58 3.62 -6.34
C ALA A 240 -24.79 3.13 -7.78
N ALA A 241 -25.01 4.04 -8.72
CA ALA A 241 -25.30 3.59 -10.09
C ALA A 241 -24.09 2.98 -10.80
N ARG A 242 -22.90 3.13 -10.22
CA ARG A 242 -21.67 2.58 -10.80
C ARG A 242 -21.55 1.09 -10.48
N GLY A 243 -22.14 0.65 -9.38
CA GLY A 243 -21.90 -0.73 -8.88
C GLY A 243 -22.35 -1.76 -9.92
N PRO A 244 -23.58 -1.68 -10.40
CA PRO A 244 -24.07 -2.74 -11.31
C PRO A 244 -23.22 -2.96 -12.56
N GLY A 245 -22.64 -1.87 -13.09
CA GLY A 245 -21.68 -1.92 -14.20
C GLY A 245 -20.50 -2.88 -13.94
N TYR A 246 -20.13 -3.03 -12.67
CA TYR A 246 -19.04 -3.96 -12.31
C TYR A 246 -19.59 -5.30 -11.89
N GLY A 247 -20.93 -5.44 -11.97
CA GLY A 247 -21.61 -6.63 -11.48
C GLY A 247 -21.75 -6.72 -9.97
N ILE A 248 -21.78 -5.57 -9.28
CA ILE A 248 -21.88 -5.49 -7.83
C ILE A 248 -23.34 -5.15 -7.43
N MET A 249 -23.95 -5.94 -6.53
CA MET A 249 -25.22 -5.60 -5.96
C MET A 249 -25.11 -4.32 -5.19
N SER A 250 -26.01 -3.37 -5.49
CA SER A 250 -25.88 -1.99 -5.00
C SER A 250 -27.15 -1.44 -4.37
N ILE A 251 -27.02 -0.51 -3.46
CA ILE A 251 -28.15 0.13 -2.80
C ILE A 251 -27.79 1.52 -2.36
N ARG A 252 -28.79 2.39 -2.30
CA ARG A 252 -28.60 3.76 -1.78
C ARG A 252 -29.48 3.91 -0.58
N VAL A 253 -28.91 4.46 0.50
CA VAL A 253 -29.69 4.63 1.73
C VAL A 253 -29.67 6.04 2.25
N ASP A 254 -30.63 6.37 3.10
CA ASP A 254 -30.58 7.65 3.81
C ASP A 254 -29.54 7.56 4.93
N GLY A 255 -28.41 8.24 4.76
CA GLY A 255 -27.31 8.05 5.71
C GLY A 255 -27.58 8.77 7.00
N ASN A 256 -28.63 9.59 7.06
CA ASN A 256 -29.02 10.22 8.32
C ASN A 256 -30.05 9.40 9.10
N ASP A 257 -30.32 8.18 8.62
CA ASP A 257 -31.27 7.25 9.27
C ASP A 257 -30.48 6.06 9.74
N VAL A 258 -30.16 5.96 11.02
CA VAL A 258 -29.34 4.84 11.50
C VAL A 258 -29.93 3.49 11.22
N PHE A 259 -31.25 3.39 11.20
CA PHE A 259 -31.88 2.13 10.92
C PHE A 259 -31.82 1.69 9.47
N ALA A 260 -31.92 2.64 8.53
CA ALA A 260 -31.75 2.32 7.10
C ALA A 260 -30.33 1.88 6.87
N VAL A 261 -29.38 2.58 7.48
CA VAL A 261 -27.97 2.20 7.34
C VAL A 261 -27.72 0.79 7.94
N TYR A 262 -28.25 0.54 9.14
CA TYR A 262 -28.13 -0.76 9.77
C TYR A 262 -28.73 -1.86 8.89
N ASN A 263 -29.97 -1.67 8.42
CA ASN A 263 -30.60 -2.73 7.69
C ASN A 263 -29.83 -3.09 6.43
N ALA A 264 -29.36 -2.06 5.74
CA ALA A 264 -28.67 -2.32 4.50
C ALA A 264 -27.34 -2.99 4.76
N THR A 265 -26.64 -2.54 5.79
CA THR A 265 -25.35 -3.15 6.12
C THR A 265 -25.50 -4.58 6.58
N LYS A 266 -26.56 -4.84 7.36
CA LYS A 266 -26.73 -6.18 7.94
C LYS A 266 -27.03 -7.20 6.84
N GLU A 267 -27.84 -6.81 5.87
CA GLU A 267 -28.19 -7.68 4.80
C GLU A 267 -27.02 -7.85 3.82
N ALA A 268 -26.34 -6.75 3.52
CA ALA A 268 -25.10 -6.88 2.73
C ALA A 268 -24.06 -7.78 3.35
N ARG A 269 -23.89 -7.72 4.68
CA ARG A 269 -22.93 -8.59 5.39
C ARG A 269 -23.31 -10.04 5.27
N ARG A 270 -24.59 -10.36 5.51
CA ARG A 270 -25.08 -11.73 5.43
C ARG A 270 -24.87 -12.33 4.08
N ARG A 271 -25.19 -11.58 3.03
CA ARG A 271 -25.04 -12.09 1.69
C ARG A 271 -23.60 -12.09 1.17
N ALA A 272 -22.81 -11.08 1.53
CA ALA A 272 -21.42 -11.08 1.10
C ALA A 272 -20.68 -12.28 1.64
N VAL A 273 -20.90 -12.62 2.91
CA VAL A 273 -20.18 -13.74 3.51
C VAL A 273 -20.66 -15.08 2.98
N ALA A 274 -21.97 -15.17 2.74
CA ALA A 274 -22.54 -16.43 2.30
C ALA A 274 -22.17 -16.72 0.85
N GLU A 275 -22.14 -15.67 0.04
CA GLU A 275 -22.12 -15.82 -1.39
C GLU A 275 -20.77 -15.47 -2.00
N ASN A 276 -19.85 -14.91 -1.20
CA ASN A 276 -18.56 -14.38 -1.67
C ASN A 276 -18.77 -13.45 -2.84
N GLN A 277 -19.55 -12.44 -2.58
CA GLN A 277 -19.77 -11.43 -3.57
C GLN A 277 -19.78 -10.07 -2.93
N PRO A 278 -19.31 -9.08 -3.65
CA PRO A 278 -19.27 -7.69 -3.11
C PRO A 278 -20.63 -7.00 -3.10
N PHE A 279 -20.81 -6.06 -2.18
CA PHE A 279 -22.02 -5.21 -2.13
C PHE A 279 -21.58 -3.79 -2.04
N LEU A 280 -22.37 -2.87 -2.59
CA LEU A 280 -22.04 -1.48 -2.53
C LEU A 280 -23.20 -0.79 -1.87
N ILE A 281 -22.92 0.01 -0.82
CA ILE A 281 -23.93 0.89 -0.19
C ILE A 281 -23.48 2.32 -0.33
N GLU A 282 -24.34 3.16 -0.92
CA GLU A 282 -24.07 4.59 -0.92
C GLU A 282 -25.00 5.28 0.07
N ALA A 283 -24.42 5.85 1.12
CA ALA A 283 -25.22 6.49 2.19
C ALA A 283 -25.22 7.97 1.94
N MET A 284 -26.41 8.52 1.71
CA MET A 284 -26.54 9.94 1.36
C MET A 284 -26.64 10.73 2.63
N THR A 285 -25.79 11.73 2.77
CA THR A 285 -25.71 12.46 3.99
C THR A 285 -25.27 13.86 3.63
N TYR A 286 -24.79 14.61 4.61
CA TYR A 286 -24.38 15.99 4.35
C TYR A 286 -23.29 16.37 5.34
N ARG A 287 -22.18 16.91 4.85
CA ARG A 287 -21.05 17.25 5.73
C ARG A 287 -21.40 18.54 6.44
N ILE A 288 -21.76 18.45 7.73
CA ILE A 288 -22.13 19.66 8.46
C ILE A 288 -20.91 20.48 8.82
N GLY A 289 -19.83 19.82 9.19
CA GLY A 289 -18.63 20.58 9.53
C GLY A 289 -17.86 21.22 8.36
N HIS A 290 -16.79 21.93 8.71
CA HIS A 290 -15.74 22.23 7.75
C HIS A 290 -15.14 20.89 7.34
N HIS A 291 -14.41 20.94 6.21
CA HIS A 291 -13.75 19.71 5.78
C HIS A 291 -12.73 19.27 6.87
N SER A 292 -12.06 20.26 7.46
CA SER A 292 -11.02 20.03 8.48
C SER A 292 -10.71 21.37 9.14
N THR A 293 -9.76 21.36 10.08
CA THR A 293 -9.38 22.63 10.74
C THR A 293 -8.65 23.52 9.78
N SER A 294 -8.23 23.01 8.63
CA SER A 294 -7.56 23.91 7.72
C SER A 294 -8.54 24.61 6.75
N ASP A 295 -9.82 24.25 6.83
CA ASP A 295 -10.87 24.68 5.88
C ASP A 295 -11.83 25.66 6.52
N ASP A 296 -12.10 26.77 5.86
CA ASP A 296 -13.25 27.56 6.26
C ASP A 296 -14.31 27.37 5.17
N SER A 297 -15.26 26.46 5.41
CA SER A 297 -16.24 26.02 4.41
C SER A 297 -17.22 27.10 3.95
N SER A 298 -17.34 28.19 4.70
CA SER A 298 -18.18 29.33 4.27
C SER A 298 -17.61 30.02 3.01
N ALA A 299 -16.36 29.72 2.66
CA ALA A 299 -15.73 30.24 1.43
C ALA A 299 -16.35 29.71 0.10
N TYR A 300 -17.16 28.64 0.20
CA TYR A 300 -17.72 27.91 -0.99
C TYR A 300 -19.15 27.34 -0.82
N ARG A 301 -19.80 27.58 0.34
CA ARG A 301 -21.21 27.21 0.47
C ARG A 301 -21.95 28.17 1.42
N ASN A 307 -27.44 25.42 9.10
CA ASN A 307 -27.98 24.75 7.92
C ASN A 307 -29.37 24.16 8.17
N TYR A 308 -30.05 23.89 7.07
CA TYR A 308 -31.21 23.01 7.04
C TYR A 308 -30.85 21.64 7.63
N TRP A 309 -29.65 21.16 7.31
CA TRP A 309 -29.20 19.83 7.73
C TRP A 309 -28.98 19.71 9.22
N ASP A 310 -28.35 20.72 9.81
CA ASP A 310 -28.04 20.70 11.22
C ASP A 310 -29.30 20.81 12.07
N LYS A 311 -30.24 21.61 11.56
CA LYS A 311 -31.44 21.93 12.30
C LYS A 311 -32.63 21.02 11.92
N GLN A 312 -32.64 20.48 10.70
CA GLN A 312 -33.88 19.85 10.17
C GLN A 312 -33.75 18.39 9.66
N ASP A 313 -32.52 17.94 9.46
CA ASP A 313 -32.31 16.56 9.16
C ASP A 313 -30.98 16.10 9.73
N HIS A 314 -30.92 15.86 11.04
CA HIS A 314 -29.62 15.44 11.65
C HIS A 314 -29.79 14.02 12.15
N PRO A 315 -28.79 13.13 11.97
CA PRO A 315 -28.97 11.75 12.41
C PRO A 315 -29.16 11.61 13.92
N ILE A 316 -28.52 12.50 14.68
CA ILE A 316 -28.59 12.35 16.15
C ILE A 316 -29.95 12.75 16.65
N SER A 317 -30.48 13.82 16.06
CA SER A 317 -31.81 14.31 16.43
C SER A 317 -32.89 13.30 16.09
N ARG A 318 -32.77 12.70 14.92
N ARG A 318 -32.78 12.69 14.91
CA ARG A 318 -33.71 11.67 14.47
CA ARG A 318 -33.73 11.67 14.50
C ARG A 318 -33.73 10.47 15.41
C ARG A 318 -33.74 10.49 15.45
N LEU A 319 -32.55 10.02 15.80
CA LEU A 319 -32.42 8.92 16.78
C LEU A 319 -32.94 9.31 18.14
N ARG A 320 -32.64 10.51 18.59
CA ARG A 320 -33.23 10.99 19.85
C ARG A 320 -34.77 10.96 19.82
N HIS A 321 -35.38 11.40 18.74
CA HIS A 321 -36.85 11.33 18.66
C HIS A 321 -37.41 9.91 18.71
N TYR A 322 -36.73 8.96 18.09
CA TYR A 322 -37.09 7.55 18.18
C TYR A 322 -37.05 7.05 19.62
N LEU A 323 -35.95 7.33 20.32
CA LEU A 323 -35.85 6.90 21.74
C LEU A 323 -37.01 7.44 22.56
N LEU A 324 -37.27 8.72 22.40
CA LEU A 324 -38.43 9.26 23.12
C LEU A 324 -39.75 8.54 22.84
N SER A 325 -39.96 8.09 21.60
CA SER A 325 -41.22 7.50 21.19
C SER A 325 -41.41 6.17 21.86
N GLN A 326 -40.31 5.47 22.14
CA GLN A 326 -40.39 4.16 22.82
C GLN A 326 -40.45 4.29 24.30
N GLY A 327 -40.19 5.48 24.81
CA GLY A 327 -40.07 5.70 26.25
C GLY A 327 -38.72 5.34 26.80
N TRP A 328 -37.70 5.45 25.93
CA TRP A 328 -36.39 4.97 26.25
C TRP A 328 -35.45 6.11 26.62
N TRP A 329 -35.94 7.36 26.56
CA TRP A 329 -35.08 8.52 26.90
C TRP A 329 -35.95 9.66 27.31
N ASP A 330 -35.36 10.65 28.00
CA ASP A 330 -36.14 11.83 28.47
C ASP A 330 -35.13 12.95 28.74
N GLU A 331 -35.60 14.13 29.11
CA GLU A 331 -34.70 15.28 29.29
C GLU A 331 -33.76 15.11 30.46
N GLU A 332 -34.20 14.45 31.52
CA GLU A 332 -33.36 14.20 32.68
C GLU A 332 -32.15 13.33 32.32
N GLN A 333 -32.42 12.23 31.61
CA GLN A 333 -31.36 11.38 31.04
C GLN A 333 -30.47 12.12 30.09
N GLU A 334 -31.06 12.94 29.25
CA GLU A 334 -30.27 13.69 28.30
C GLU A 334 -29.28 14.61 29.05
N LYS A 335 -29.79 15.36 30.01
CA LYS A 335 -28.95 16.24 30.81
C LYS A 335 -27.84 15.49 31.55
N ALA A 336 -28.16 14.39 32.21
CA ALA A 336 -27.16 13.57 32.92
C ALA A 336 -26.06 13.06 31.97
N TRP A 337 -26.46 12.60 30.79
CA TRP A 337 -25.49 11.99 29.86
C TRP A 337 -24.62 13.07 29.27
N ARG A 338 -25.21 14.23 28.97
CA ARG A 338 -24.40 15.32 28.46
C ARG A 338 -23.24 15.67 29.47
N LYS A 339 -23.54 15.69 30.77
CA LYS A 339 -22.56 15.97 31.81
C LYS A 339 -21.51 14.89 31.98
N GLN A 340 -21.97 13.65 31.94
CA GLN A 340 -21.10 12.50 32.11
C GLN A 340 -20.17 12.33 30.92
N SER A 341 -20.71 12.51 29.71
CA SER A 341 -19.89 12.42 28.47
C SER A 341 -18.85 13.55 28.42
N ARG A 342 -19.24 14.76 28.80
CA ARG A 342 -18.27 15.88 28.85
C ARG A 342 -17.18 15.56 29.85
N ARG A 343 -17.55 15.05 31.02
CA ARG A 343 -16.56 14.66 32.05
C ARG A 343 -15.61 13.57 31.55
N LYS A 344 -16.14 12.53 30.92
CA LYS A 344 -15.29 11.44 30.43
C LYS A 344 -14.31 11.98 29.39
N VAL A 345 -14.77 12.89 28.53
CA VAL A 345 -13.93 13.38 27.43
C VAL A 345 -12.86 14.32 28.01
N MET A 346 -13.28 15.17 28.94
CA MET A 346 -12.35 16.07 29.62
C MET A 346 -11.30 15.34 30.49
N GLU A 347 -11.67 14.23 31.13
CA GLU A 347 -10.69 13.40 31.86
C GLU A 347 -9.59 12.85 30.93
N ALA A 348 -10.00 12.37 29.75
CA ALA A 348 -9.05 11.80 28.82
C ALA A 348 -8.20 12.89 28.20
N PHE A 349 -8.83 14.01 27.92
CA PHE A 349 -8.15 15.18 27.36
C PHE A 349 -7.01 15.70 28.23
N GLU A 350 -7.31 15.92 29.51
CA GLU A 350 -6.29 16.30 30.49
C GLU A 350 -5.14 15.30 30.67
N GLN A 351 -5.47 14.03 30.76
CA GLN A 351 -4.44 13.03 30.78
C GLN A 351 -3.56 13.10 29.54
N ALA A 352 -4.17 13.26 28.36
CA ALA A 352 -3.40 13.24 27.09
C ALA A 352 -2.44 14.39 27.00
N GLU A 353 -2.91 15.56 27.44
CA GLU A 353 -2.06 16.75 27.41
C GLU A 353 -0.89 16.69 28.34
N ARG A 354 -1.02 16.00 29.45
CA ARG A 354 0.07 15.88 30.40
C ARG A 354 1.12 14.79 30.04
N LYS A 355 0.78 13.81 29.21
CA LYS A 355 1.76 12.80 28.80
C LYS A 355 2.87 13.39 27.95
N PRO A 356 4.10 12.88 28.12
CA PRO A 356 5.16 13.26 27.21
C PRO A 356 4.98 12.63 25.84
N LYS A 357 5.77 13.12 24.89
CA LYS A 357 5.83 12.54 23.56
C LYS A 357 6.83 11.41 23.64
N PRO A 358 6.85 10.54 22.63
CA PRO A 358 7.69 9.35 22.68
C PRO A 358 9.15 9.71 22.52
N ASN A 359 10.05 8.79 22.85
CA ASN A 359 11.48 9.04 22.66
C ASN A 359 11.79 9.35 21.15
N PRO A 360 12.58 10.37 20.82
CA PRO A 360 12.92 10.66 19.43
C PRO A 360 13.57 9.50 18.66
N ASN A 361 14.16 8.53 19.34
CA ASN A 361 14.62 7.26 18.71
C ASN A 361 13.55 6.53 17.92
N LEU A 362 12.29 6.68 18.35
CA LEU A 362 11.20 6.03 17.62
C LEU A 362 10.98 6.60 16.25
N LEU A 363 11.69 7.66 15.89
CA LEU A 363 11.55 8.13 14.46
C LEU A 363 12.16 7.13 13.50
N PHE A 364 13.02 6.25 13.99
CA PHE A 364 13.83 5.37 13.13
C PHE A 364 13.34 3.91 13.11
N SER A 365 12.58 3.47 14.12
CA SER A 365 12.10 2.10 14.11
C SER A 365 10.88 1.90 13.18
N ASP A 366 10.68 0.62 12.76
CA ASP A 366 9.48 0.16 12.03
C ASP A 366 9.49 0.67 10.58
N VAL A 367 10.59 1.30 10.12
CA VAL A 367 10.73 1.65 8.70
C VAL A 367 10.74 0.36 7.89
N TYR A 368 11.59 -0.55 8.33
CA TYR A 368 11.56 -2.01 7.99
C TYR A 368 11.27 -2.71 9.29
N GLN A 369 10.93 -3.97 9.26
CA GLN A 369 10.68 -4.67 10.55
C GLN A 369 11.94 -4.53 11.42
N GLU A 370 13.06 -5.00 10.87
CA GLU A 370 14.34 -4.80 11.52
C GLU A 370 14.85 -3.40 11.26
N MET A 371 15.97 -3.01 11.86
CA MET A 371 16.56 -1.69 11.55
C MET A 371 17.84 -1.99 10.79
N PRO A 372 17.92 -1.61 9.53
CA PRO A 372 19.12 -1.79 8.75
C PRO A 372 20.30 -1.02 9.35
N ALA A 373 21.49 -1.56 9.18
CA ALA A 373 22.67 -0.96 9.83
C ALA A 373 22.87 0.50 9.40
N GLN A 374 22.60 0.84 8.15
CA GLN A 374 22.77 2.24 7.75
C GLN A 374 21.73 3.13 8.37
N LEU A 375 20.60 2.59 8.78
CA LEU A 375 19.61 3.47 9.41
C LEU A 375 19.99 3.60 10.89
N ARG A 376 20.52 2.55 11.47
CA ARG A 376 21.06 2.66 12.83
C ARG A 376 22.16 3.72 12.89
N LYS A 377 22.95 3.82 11.84
CA LYS A 377 24.02 4.78 11.80
C LYS A 377 23.43 6.19 11.87
N GLN A 378 22.31 6.38 11.20
CA GLN A 378 21.60 7.66 11.25
C GLN A 378 21.02 7.95 12.64
N GLN A 379 20.45 6.94 13.29
CA GLN A 379 19.97 7.08 14.65
C GLN A 379 21.11 7.47 15.57
N GLU A 380 22.25 6.79 15.44
CA GLU A 380 23.41 7.19 16.27
C GLU A 380 23.87 8.61 16.01
N SER A 381 23.81 9.01 14.76
CA SER A 381 24.21 10.35 14.39
C SER A 381 23.32 11.40 15.07
N LEU A 382 22.00 11.19 15.07
CA LEU A 382 21.09 12.02 15.87
C LEU A 382 21.42 12.05 17.35
N ALA A 383 21.67 10.89 17.93
CA ALA A 383 22.03 10.87 19.34
C ALA A 383 23.28 11.69 19.62
N ARG A 384 24.30 11.55 18.79
CA ARG A 384 25.50 12.37 18.97
C ARG A 384 25.15 13.83 18.84
N HIS A 385 24.35 14.17 17.84
CA HIS A 385 23.98 15.54 17.58
C HIS A 385 23.32 16.18 18.79
N LEU A 386 22.42 15.43 19.43
CA LEU A 386 21.63 15.99 20.54
C LEU A 386 22.46 16.16 21.78
N GLN A 387 23.46 15.31 21.91
CA GLN A 387 24.43 15.44 22.98
C GLN A 387 25.16 16.78 22.96
N THR A 388 25.50 17.27 21.78
CA THR A 388 26.19 18.54 21.65
C THR A 388 25.23 19.72 21.57
N TYR A 389 24.16 19.59 20.79
CA TYR A 389 23.28 20.73 20.43
C TYR A 389 21.90 20.64 21.06
N GLY A 390 21.71 19.75 22.02
CA GLY A 390 20.32 19.46 22.47
C GLY A 390 19.58 20.64 23.07
N GLU A 391 20.33 21.67 23.52
CA GLU A 391 19.66 22.81 24.11
C GLU A 391 18.81 23.53 23.08
N HIS A 392 19.03 23.22 21.81
CA HIS A 392 18.32 23.85 20.72
C HIS A 392 17.10 23.05 20.27
N TYR A 393 16.72 22.00 21.02
CA TYR A 393 15.63 21.11 20.63
C TYR A 393 14.62 21.00 21.76
N PRO A 394 13.36 20.71 21.46
CA PRO A 394 12.36 20.60 22.54
C PRO A 394 12.47 19.34 23.36
N LEU A 395 13.64 19.05 23.89
CA LEU A 395 13.86 17.75 24.53
C LEU A 395 13.02 17.44 25.79
N ASP A 396 12.59 18.46 26.50
CA ASP A 396 12.00 18.24 27.83
C ASP A 396 10.56 17.75 27.75
N HIS A 397 10.09 17.67 26.51
CA HIS A 397 8.75 17.29 26.15
C HIS A 397 8.69 15.85 25.68
N PHE A 398 9.87 15.27 25.44
CA PHE A 398 9.94 13.96 24.86
C PHE A 398 10.43 12.97 25.87
N ASP A 399 9.92 11.74 25.81
CA ASP A 399 10.36 10.71 26.72
C ASP A 399 11.84 10.43 26.57
N LYS A 400 12.47 10.09 27.70
CA LYS A 400 13.81 9.54 27.86
C LYS A 400 14.88 10.54 27.57
N ALA B 2 24.42 -11.06 -29.11
CA ALA B 2 24.22 -10.56 -27.71
C ALA B 2 25.39 -9.71 -27.22
N HIS B 3 25.09 -8.78 -26.33
CA HIS B 3 26.07 -7.87 -25.80
C HIS B 3 26.79 -8.46 -24.57
N PHE B 4 26.44 -9.66 -24.18
CA PHE B 4 27.00 -10.22 -22.96
C PHE B 4 27.21 -11.69 -23.20
N THR B 5 28.06 -12.30 -22.39
CA THR B 5 28.19 -13.75 -22.31
C THR B 5 27.99 -14.24 -20.87
N PHE B 6 27.02 -15.14 -20.67
CA PHE B 6 26.79 -15.79 -19.37
C PHE B 6 27.76 -16.97 -19.19
N GLN B 7 28.31 -17.07 -17.99
CA GLN B 7 29.13 -18.20 -17.62
C GLN B 7 28.66 -18.77 -16.29
N PRO B 8 28.46 -20.09 -16.24
CA PRO B 8 28.13 -20.76 -14.97
C PRO B 8 29.34 -20.75 -14.03
N GLU B 14 27.00 -28.62 -1.91
CA GLU B 14 26.53 -27.71 -0.88
C GLU B 14 25.01 -27.83 -0.62
N TYR B 15 24.20 -27.96 -1.67
CA TYR B 15 22.74 -27.77 -1.52
C TYR B 15 21.79 -28.92 -1.92
N GLY B 16 22.33 -30.12 -2.03
CA GLY B 16 21.57 -31.31 -2.44
C GLY B 16 21.57 -31.44 -3.95
N GLN B 17 20.64 -32.23 -4.48
CA GLN B 17 20.58 -32.44 -5.89
C GLN B 17 20.32 -31.14 -6.64
N THR B 18 20.94 -31.00 -7.81
CA THR B 18 20.68 -29.87 -8.70
C THR B 18 20.23 -30.35 -10.05
N GLN B 19 19.59 -29.46 -10.81
CA GLN B 19 19.28 -29.71 -12.20
C GLN B 19 19.69 -28.45 -12.94
N LYS B 20 19.99 -28.60 -14.23
CA LYS B 20 20.26 -27.46 -15.04
C LYS B 20 18.94 -26.68 -15.25
N MET B 21 18.96 -25.39 -14.97
CA MET B 21 17.77 -24.53 -15.08
C MET B 21 18.16 -23.24 -15.79
N ASN B 22 17.30 -22.72 -16.65
CA ASN B 22 17.53 -21.36 -17.11
C ASN B 22 16.89 -20.43 -16.06
N LEU B 23 16.98 -19.12 -16.25
N LEU B 23 17.03 -19.12 -16.24
CA LEU B 23 16.46 -18.20 -15.22
CA LEU B 23 16.47 -18.18 -15.27
C LEU B 23 14.92 -18.19 -15.06
C LEU B 23 14.95 -18.37 -15.04
N PHE B 24 14.16 -18.40 -16.12
CA PHE B 24 12.73 -18.56 -15.90
C PHE B 24 12.36 -19.79 -15.14
N GLN B 25 13.08 -20.89 -15.41
CA GLN B 25 12.86 -22.13 -14.67
C GLN B 25 13.27 -22.00 -13.20
N SER B 26 14.35 -21.25 -12.90
CA SER B 26 14.74 -21.05 -11.50
C SER B 26 13.69 -20.28 -10.74
N VAL B 27 13.03 -19.36 -11.42
CA VAL B 27 11.93 -18.59 -10.78
C VAL B 27 10.75 -19.55 -10.53
N THR B 28 10.40 -20.37 -11.53
CA THR B 28 9.32 -21.32 -11.30
C THR B 28 9.64 -22.21 -10.10
N SER B 29 10.89 -22.63 -10.05
CA SER B 29 11.33 -23.52 -8.96
C SER B 29 11.21 -22.85 -7.60
N ALA B 30 11.63 -21.59 -7.52
CA ALA B 30 11.45 -20.85 -6.27
C ALA B 30 9.96 -20.70 -5.89
N LEU B 31 9.10 -20.43 -6.86
CA LEU B 31 7.67 -20.25 -6.61
C LEU B 31 7.00 -21.54 -6.20
N ASP B 32 7.34 -22.63 -6.91
CA ASP B 32 6.91 -23.98 -6.52
C ASP B 32 7.34 -24.33 -5.10
N ASN B 33 8.61 -24.17 -4.76
CA ASN B 33 9.05 -24.46 -3.37
C ASN B 33 8.29 -23.61 -2.35
N SER B 34 8.02 -22.34 -2.69
CA SER B 34 7.28 -21.44 -1.74
C SER B 34 5.84 -21.87 -1.50
N LEU B 35 5.12 -22.19 -2.57
CA LEU B 35 3.75 -22.63 -2.40
C LEU B 35 3.66 -23.93 -1.72
N ALA B 36 4.66 -24.76 -1.92
CA ALA B 36 4.66 -26.08 -1.25
C ALA B 36 4.81 -25.96 0.27
N LYS B 37 5.60 -25.03 0.75
CA LYS B 37 5.88 -25.00 2.19
C LYS B 37 5.06 -23.95 2.93
N ASP B 38 4.42 -23.07 2.20
CA ASP B 38 3.61 -22.03 2.81
C ASP B 38 2.18 -22.10 2.28
N PRO B 39 1.27 -22.73 3.01
CA PRO B 39 -0.09 -22.87 2.50
C PRO B 39 -0.85 -21.56 2.30
N THR B 40 -0.37 -20.45 2.87
CA THR B 40 -1.04 -19.15 2.66
C THR B 40 -0.66 -18.47 1.35
N ALA B 41 0.41 -18.93 0.68
CA ALA B 41 0.95 -18.21 -0.46
C ALA B 41 0.09 -18.32 -1.68
N VAL B 42 -0.09 -17.17 -2.38
CA VAL B 42 -0.75 -17.07 -3.70
C VAL B 42 0.08 -16.28 -4.65
N ILE B 43 -0.15 -16.46 -5.95
CA ILE B 43 0.59 -15.82 -7.03
C ILE B 43 -0.47 -15.26 -7.97
N PHE B 44 -0.39 -13.99 -8.30
CA PHE B 44 -1.47 -13.41 -9.15
C PHE B 44 -0.90 -12.25 -9.98
N GLY B 45 -1.60 -11.95 -11.06
CA GLY B 45 -1.21 -10.85 -11.93
C GLY B 45 -1.76 -11.11 -13.26
N GLU B 46 -1.35 -10.33 -14.28
CA GLU B 46 -1.87 -10.52 -15.64
C GLU B 46 -1.28 -11.78 -16.30
N ASP B 47 -2.16 -12.69 -16.74
CA ASP B 47 -1.77 -13.84 -17.57
C ASP B 47 -0.86 -14.83 -16.84
N VAL B 48 -0.86 -14.85 -15.50
CA VAL B 48 -0.08 -15.85 -14.81
C VAL B 48 -0.70 -17.25 -14.86
N ALA B 49 -2.01 -17.33 -15.02
CA ALA B 49 -2.66 -18.65 -14.88
C ALA B 49 -2.19 -19.67 -15.94
N PHE B 50 -2.10 -19.26 -17.20
CA PHE B 50 -1.58 -20.18 -18.21
C PHE B 50 -0.08 -20.37 -18.18
N GLY B 51 0.61 -19.75 -17.24
CA GLY B 51 2.06 -19.94 -17.14
C GLY B 51 2.86 -18.67 -17.34
N GLY B 52 2.15 -17.61 -17.70
CA GLY B 52 2.81 -16.30 -17.85
C GLY B 52 3.42 -16.05 -19.21
N VAL B 53 3.55 -14.78 -19.56
CA VAL B 53 4.14 -14.41 -20.89
C VAL B 53 5.62 -14.75 -21.00
N PHE B 54 6.27 -14.99 -19.87
CA PHE B 54 7.66 -15.49 -19.89
C PHE B 54 7.84 -16.87 -19.28
N ARG B 55 6.73 -17.60 -19.17
CA ARG B 55 6.67 -19.01 -18.66
C ARG B 55 7.09 -19.18 -17.22
N CYS B 56 7.14 -18.09 -16.46
CA CYS B 56 7.62 -18.22 -15.06
C CYS B 56 6.65 -18.99 -14.17
N THR B 57 5.37 -19.12 -14.56
CA THR B 57 4.42 -19.82 -13.64
C THR B 57 3.84 -21.08 -14.25
N VAL B 58 4.53 -21.63 -15.25
CA VAL B 58 4.04 -22.83 -15.93
C VAL B 58 3.87 -23.96 -14.92
N GLY B 59 2.69 -24.56 -14.95
CA GLY B 59 2.38 -25.75 -14.15
C GLY B 59 1.90 -25.53 -12.73
N LEU B 60 2.00 -24.30 -12.27
CA LEU B 60 1.76 -24.02 -10.85
C LEU B 60 0.27 -23.98 -10.53
N ARG B 61 -0.57 -23.50 -11.45
CA ARG B 61 -2.04 -23.52 -11.17
C ARG B 61 -2.57 -24.93 -11.14
N ASP B 62 -2.07 -25.78 -12.03
CA ASP B 62 -2.45 -27.18 -12.03
C ASP B 62 -1.99 -27.88 -10.74
N LYS B 63 -0.82 -27.51 -10.28
CA LYS B 63 -0.25 -28.16 -9.07
C LYS B 63 -0.94 -27.68 -7.77
N TYR B 64 -1.20 -26.38 -7.67
CA TYR B 64 -1.61 -25.75 -6.38
C TYR B 64 -3.04 -25.28 -6.31
N GLY B 65 -3.68 -25.17 -7.47
CA GLY B 65 -5.08 -24.78 -7.55
C GLY B 65 -5.38 -23.40 -8.05
N LYS B 66 -6.57 -23.24 -8.62
CA LYS B 66 -6.95 -21.95 -9.23
C LYS B 66 -7.15 -20.86 -8.21
N ASP B 67 -7.37 -21.22 -6.95
CA ASP B 67 -7.47 -20.14 -5.95
C ASP B 67 -6.13 -19.59 -5.52
N ARG B 68 -5.03 -20.30 -5.85
CA ARG B 68 -3.69 -19.90 -5.45
C ARG B 68 -2.83 -19.37 -6.56
N VAL B 69 -3.23 -19.57 -7.82
CA VAL B 69 -2.45 -19.05 -8.93
C VAL B 69 -3.49 -18.58 -9.92
N PHE B 70 -3.64 -17.26 -10.08
CA PHE B 70 -4.82 -16.76 -10.77
C PHE B 70 -4.56 -15.46 -11.48
N ASN B 71 -5.36 -15.21 -12.52
CA ASN B 71 -5.28 -13.94 -13.27
C ASN B 71 -6.09 -12.84 -12.61
N THR B 72 -5.57 -11.59 -12.68
CA THR B 72 -6.32 -10.43 -12.24
C THR B 72 -6.78 -9.69 -13.47
N PRO B 73 -7.70 -8.72 -13.30
CA PRO B 73 -7.94 -7.75 -14.34
C PRO B 73 -6.66 -6.94 -14.61
N LEU B 74 -6.70 -6.29 -15.75
CA LEU B 74 -5.53 -5.61 -16.29
C LEU B 74 -5.39 -4.23 -15.64
N CYS B 75 -4.79 -4.20 -14.48
CA CYS B 75 -4.83 -2.94 -13.71
C CYS B 75 -3.73 -3.04 -12.67
N GLU B 76 -2.61 -2.40 -12.92
CA GLU B 76 -1.49 -2.59 -11.99
C GLU B 76 -1.64 -1.92 -10.67
N GLN B 77 -2.33 -0.77 -10.66
CA GLN B 77 -2.58 -0.18 -9.31
C GLN B 77 -3.44 -1.10 -8.47
N GLY B 78 -4.28 -1.87 -9.15
CA GLY B 78 -5.08 -2.84 -8.40
C GLY B 78 -4.29 -4.04 -7.98
N ILE B 79 -3.36 -4.51 -8.83
CA ILE B 79 -2.61 -5.71 -8.48
C ILE B 79 -1.83 -5.42 -7.21
N VAL B 80 -1.19 -4.24 -7.17
CA VAL B 80 -0.39 -3.97 -5.95
C VAL B 80 -1.24 -3.69 -4.70
N GLY B 81 -2.30 -2.89 -4.83
CA GLY B 81 -3.17 -2.65 -3.69
C GLY B 81 -3.77 -3.96 -3.19
N PHE B 82 -4.27 -4.80 -4.11
CA PHE B 82 -4.77 -6.15 -3.74
C PHE B 82 -3.74 -6.96 -2.98
N GLY B 83 -2.53 -7.04 -3.52
CA GLY B 83 -1.44 -7.74 -2.80
C GLY B 83 -1.10 -7.22 -1.42
N ILE B 84 -1.04 -5.88 -1.27
CA ILE B 84 -0.90 -5.30 0.11
C ILE B 84 -2.00 -5.81 0.99
N GLY B 85 -3.23 -5.84 0.51
CA GLY B 85 -4.32 -6.26 1.41
C GLY B 85 -4.20 -7.72 1.80
N ILE B 86 -3.83 -8.57 0.84
CA ILE B 86 -3.58 -10.01 1.23
C ILE B 86 -2.54 -10.05 2.35
N ALA B 87 -1.46 -9.32 2.15
CA ALA B 87 -0.35 -9.35 3.13
C ALA B 87 -0.72 -8.75 4.45
N VAL B 88 -1.62 -7.76 4.44
CA VAL B 88 -2.10 -7.21 5.76
C VAL B 88 -2.71 -8.32 6.63
N THR B 89 -3.30 -9.34 6.03
CA THR B 89 -3.83 -10.43 6.82
C THR B 89 -2.81 -11.48 7.22
N GLY B 90 -1.59 -11.36 6.73
CA GLY B 90 -0.54 -12.29 7.15
C GLY B 90 -0.22 -13.32 6.08
N ALA B 91 -0.98 -13.33 4.98
CA ALA B 91 -0.76 -14.34 3.92
C ALA B 91 0.30 -13.85 2.93
N THR B 92 1.12 -14.76 2.39
CA THR B 92 2.16 -14.46 1.42
C THR B 92 1.53 -14.11 0.08
N ALA B 93 1.83 -12.93 -0.42
CA ALA B 93 1.27 -12.46 -1.66
C ALA B 93 2.40 -12.23 -2.63
N ILE B 94 2.38 -12.96 -3.77
CA ILE B 94 3.47 -12.86 -4.72
C ILE B 94 2.80 -12.28 -5.98
N ALA B 95 2.96 -10.96 -6.18
CA ALA B 95 2.29 -10.27 -7.28
C ALA B 95 3.27 -10.19 -8.44
N GLU B 96 2.76 -10.30 -9.66
CA GLU B 96 3.58 -10.08 -10.83
C GLU B 96 3.16 -8.81 -11.50
N ILE B 97 4.15 -8.04 -11.98
CA ILE B 97 3.88 -6.91 -12.83
C ILE B 97 4.54 -7.30 -14.18
N GLN B 98 3.81 -7.18 -15.29
CA GLN B 98 4.20 -7.97 -16.47
C GLN B 98 5.52 -7.57 -17.11
N PHE B 99 5.82 -6.27 -17.10
CA PHE B 99 7.14 -5.71 -17.48
C PHE B 99 7.38 -4.64 -16.43
N ALA B 100 8.63 -4.44 -16.01
CA ALA B 100 8.93 -3.39 -15.01
C ALA B 100 8.49 -2.03 -15.52
N ASP B 101 8.53 -1.83 -16.84
CA ASP B 101 8.08 -0.58 -17.44
C ASP B 101 6.65 -0.20 -17.07
N TYR B 102 5.85 -1.19 -16.69
CA TYR B 102 4.42 -0.96 -16.34
C TYR B 102 4.22 -0.99 -14.87
N ILE B 103 5.30 -0.80 -14.09
CA ILE B 103 5.12 -0.78 -12.64
C ILE B 103 4.61 0.61 -12.17
N PHE B 104 4.78 1.62 -13.02
CA PHE B 104 4.47 3.00 -12.62
C PHE B 104 3.03 3.33 -12.24
N PRO B 105 2.01 2.66 -12.83
CA PRO B 105 0.71 2.91 -12.32
C PRO B 105 0.53 2.54 -10.87
N ALA B 106 1.38 1.63 -10.39
CA ALA B 106 1.30 1.18 -9.00
C ALA B 106 2.31 1.95 -8.13
N PHE B 107 2.93 3.02 -8.62
CA PHE B 107 3.96 3.68 -7.84
C PHE B 107 3.43 4.28 -6.55
N ASP B 108 2.22 4.85 -6.59
CA ASP B 108 1.64 5.38 -5.34
C ASP B 108 1.35 4.26 -4.35
N GLN B 109 0.79 3.12 -4.82
CA GLN B 109 0.59 2.03 -3.86
C GLN B 109 1.91 1.50 -3.31
N ILE B 110 2.98 1.49 -4.11
CA ILE B 110 4.25 1.00 -3.56
C ILE B 110 4.86 2.03 -2.58
N VAL B 111 4.92 3.27 -3.01
CA VAL B 111 5.73 4.28 -2.28
C VAL B 111 4.97 4.90 -1.09
N ASN B 112 3.72 5.27 -1.35
CA ASN B 112 2.96 5.88 -0.26
C ASN B 112 2.29 4.84 0.65
N GLU B 113 2.05 3.65 0.14
CA GLU B 113 1.38 2.66 0.96
C GLU B 113 2.29 1.49 1.43
N ALA B 114 2.68 0.59 0.52
CA ALA B 114 3.47 -0.58 0.97
C ALA B 114 4.67 -0.16 1.80
N ALA B 115 5.42 0.83 1.31
CA ALA B 115 6.68 1.12 2.02
C ALA B 115 6.48 1.68 3.39
N LYS B 116 5.34 2.36 3.59
CA LYS B 116 5.10 3.13 4.78
C LYS B 116 4.19 2.40 5.75
N TYR B 117 3.67 1.24 5.37
CA TYR B 117 2.60 0.61 6.09
C TYR B 117 2.95 0.30 7.55
N ARG B 118 4.12 -0.28 7.78
CA ARG B 118 4.52 -0.65 9.14
C ARG B 118 4.87 0.60 9.95
N TYR B 119 5.62 1.50 9.37
CA TYR B 119 6.03 2.66 10.12
C TYR B 119 4.83 3.44 10.61
N ARG B 120 3.91 3.75 9.71
CA ARG B 120 2.87 4.69 10.02
C ARG B 120 1.84 4.11 10.99
N SER B 121 1.83 2.78 11.19
CA SER B 121 0.88 2.16 12.08
C SER B 121 1.51 1.83 13.44
N GLY B 122 2.80 2.15 13.61
CA GLY B 122 3.51 1.77 14.81
C GLY B 122 3.69 0.25 14.92
N ASP B 123 3.65 -0.43 13.78
CA ASP B 123 3.77 -1.88 13.66
C ASP B 123 2.48 -2.54 14.13
N LEU B 124 1.36 -1.83 14.15
CA LEU B 124 0.06 -2.50 14.37
C LEU B 124 -0.35 -3.30 13.13
N PHE B 125 0.02 -2.83 11.94
CA PHE B 125 -0.30 -3.48 10.65
C PHE B 125 0.92 -3.46 9.78
N ASN B 126 1.03 -4.40 8.84
CA ASN B 126 2.16 -4.40 7.92
C ASN B 126 1.77 -5.14 6.65
N CYS B 127 2.65 -5.07 5.67
CA CYS B 127 2.46 -5.87 4.44
C CYS B 127 3.81 -6.52 4.13
N GLY B 128 4.47 -7.03 5.16
CA GLY B 128 5.78 -7.71 5.01
C GLY B 128 5.78 -8.92 4.11
N SER B 129 4.63 -9.58 3.99
CA SER B 129 4.55 -10.79 3.24
C SER B 129 4.21 -10.57 1.77
N LEU B 130 4.34 -9.32 1.32
CA LEU B 130 4.24 -9.02 -0.12
C LEU B 130 5.61 -9.04 -0.84
N THR B 131 5.66 -9.69 -2.00
CA THR B 131 6.76 -9.59 -2.98
C THR B 131 6.15 -9.25 -4.30
N ILE B 132 6.75 -8.31 -5.01
CA ILE B 132 6.32 -7.97 -6.38
C ILE B 132 7.44 -8.42 -7.30
N ARG B 133 7.17 -9.28 -8.31
CA ARG B 133 8.32 -9.72 -9.18
C ARG B 133 7.99 -9.18 -10.56
N SER B 134 9.01 -8.76 -11.30
CA SER B 134 8.71 -8.13 -12.59
C SER B 134 9.92 -8.32 -13.52
N PRO B 135 9.71 -8.71 -14.79
CA PRO B 135 10.78 -8.68 -15.77
C PRO B 135 11.41 -7.31 -15.95
N TRP B 136 12.72 -7.30 -16.21
CA TRP B 136 13.47 -6.03 -16.14
C TRP B 136 14.59 -6.00 -17.15
N GLY B 137 15.01 -4.80 -17.47
CA GLY B 137 16.20 -4.59 -18.30
C GLY B 137 16.07 -4.83 -19.80
N CYS B 138 17.11 -4.47 -20.52
CA CYS B 138 17.03 -4.45 -21.97
C CYS B 138 16.94 -5.87 -22.56
N VAL B 139 16.40 -5.96 -23.78
CA VAL B 139 16.18 -7.25 -24.41
C VAL B 139 16.51 -7.22 -25.91
N GLY B 140 17.28 -6.25 -26.37
CA GLY B 140 17.67 -6.21 -27.81
C GLY B 140 16.80 -5.31 -28.67
N HIS B 141 15.51 -5.29 -28.41
CA HIS B 141 14.53 -4.60 -29.31
C HIS B 141 13.30 -4.18 -28.56
N GLY B 142 13.39 -4.09 -27.24
CA GLY B 142 12.19 -3.75 -26.40
C GLY B 142 11.76 -2.28 -26.43
N ALA B 143 12.63 -1.41 -26.91
CA ALA B 143 12.36 0.01 -27.08
C ALA B 143 11.92 0.63 -25.78
N LEU B 144 10.99 1.58 -25.80
CA LEU B 144 10.85 2.42 -24.63
C LEU B 144 10.19 1.74 -23.49
N TYR B 145 9.30 0.77 -23.77
CA TYR B 145 8.38 0.25 -22.73
C TYR B 145 8.49 -1.23 -22.52
N HIS B 146 9.52 -1.89 -23.08
N HIS B 146 9.54 -1.87 -23.07
CA HIS B 146 9.75 -3.28 -22.67
CA HIS B 146 9.83 -3.29 -22.71
C HIS B 146 11.24 -3.48 -22.34
C HIS B 146 11.26 -3.48 -22.31
N SER B 147 11.93 -2.38 -21.98
CA SER B 147 13.40 -2.41 -21.68
C SER B 147 13.84 -1.76 -20.35
N GLN B 148 12.92 -1.14 -19.65
CA GLN B 148 13.33 -0.21 -18.56
C GLN B 148 13.93 -0.91 -17.36
N SER B 149 14.77 -0.16 -16.64
N SER B 149 14.82 -0.15 -16.67
CA SER B 149 15.34 -0.62 -15.37
CA SER B 149 15.43 -0.53 -15.36
C SER B 149 15.05 0.43 -14.31
C SER B 149 15.03 0.50 -14.32
N PRO B 150 13.91 0.30 -13.63
CA PRO B 150 13.41 1.36 -12.73
C PRO B 150 13.98 1.36 -11.34
N GLU B 151 15.07 0.70 -11.06
CA GLU B 151 15.42 0.56 -9.66
C GLU B 151 15.74 1.87 -8.95
N ALA B 152 16.36 2.87 -9.62
CA ALA B 152 16.69 4.09 -8.91
C ALA B 152 15.48 4.88 -8.49
N PHE B 153 14.34 4.68 -9.16
CA PHE B 153 13.11 5.34 -8.71
C PHE B 153 12.75 4.79 -7.35
N PHE B 154 12.88 3.48 -7.16
CA PHE B 154 12.47 2.90 -5.90
C PHE B 154 13.50 3.07 -4.81
N ALA B 155 14.76 3.28 -5.21
CA ALA B 155 15.84 3.37 -4.18
C ALA B 155 15.66 4.55 -3.24
N HIS B 156 14.87 5.55 -3.67
CA HIS B 156 14.66 6.75 -2.86
C HIS B 156 13.44 6.60 -1.95
N CYS B 157 12.96 5.39 -1.79
CA CYS B 157 11.80 5.10 -0.91
C CYS B 157 12.09 4.16 0.31
N PRO B 158 12.38 4.73 1.47
CA PRO B 158 12.60 3.94 2.66
C PRO B 158 11.40 3.04 2.92
N GLY B 159 11.63 1.78 3.26
CA GLY B 159 10.55 0.83 3.62
C GLY B 159 10.33 -0.28 2.63
N ILE B 160 10.93 -0.18 1.43
CA ILE B 160 10.90 -1.31 0.50
C ILE B 160 12.28 -1.84 0.26
N LYS B 161 12.39 -3.09 -0.18
CA LYS B 161 13.66 -3.64 -0.59
C LYS B 161 13.57 -3.91 -2.07
N VAL B 162 14.72 -3.79 -2.74
CA VAL B 162 14.77 -3.89 -4.21
C VAL B 162 15.96 -4.80 -4.50
N VAL B 163 15.69 -5.90 -5.22
CA VAL B 163 16.69 -7.01 -5.37
C VAL B 163 16.73 -7.46 -6.81
N ILE B 164 17.93 -7.70 -7.33
CA ILE B 164 18.08 -8.02 -8.78
C ILE B 164 19.16 -9.14 -8.85
N PRO B 165 18.82 -10.30 -9.39
CA PRO B 165 19.80 -11.39 -9.52
C PRO B 165 20.58 -11.37 -10.87
N ARG B 166 21.71 -12.09 -10.95
CA ARG B 166 22.48 -12.09 -12.19
C ARG B 166 22.44 -13.44 -12.91
N SER B 167 21.79 -14.44 -12.32
CA SER B 167 21.87 -15.81 -12.86
C SER B 167 20.76 -16.70 -12.31
N PRO B 168 20.55 -17.90 -12.87
CA PRO B 168 19.55 -18.82 -12.34
C PRO B 168 19.77 -19.22 -10.86
N PHE B 169 20.99 -19.62 -10.49
CA PHE B 169 21.25 -19.96 -9.11
C PHE B 169 20.96 -18.78 -8.19
N GLN B 170 21.44 -17.61 -8.59
CA GLN B 170 21.19 -16.40 -7.78
C GLN B 170 19.71 -16.04 -7.70
N ALA B 171 19.00 -16.16 -8.81
CA ALA B 171 17.62 -15.75 -8.83
C ALA B 171 16.78 -16.58 -7.89
N LYS B 172 16.93 -17.92 -7.87
CA LYS B 172 16.08 -18.74 -6.97
C LYS B 172 16.36 -18.44 -5.49
N GLY B 173 17.64 -18.35 -5.12
CA GLY B 173 17.99 -18.07 -3.75
C GLY B 173 17.60 -16.70 -3.28
N LEU B 174 17.79 -15.69 -4.12
CA LEU B 174 17.33 -14.32 -3.76
C LEU B 174 15.82 -14.16 -3.78
N LEU B 175 15.12 -14.81 -4.72
CA LEU B 175 13.66 -14.76 -4.73
C LEU B 175 13.06 -15.43 -3.48
N LEU B 176 13.59 -16.58 -3.09
CA LEU B 176 13.07 -17.17 -1.86
C LEU B 176 13.32 -16.25 -0.66
N SER B 177 14.49 -15.62 -0.59
CA SER B 177 14.74 -14.64 0.48
C SER B 177 13.75 -13.47 0.43
N CYS B 178 13.42 -13.00 -0.76
CA CYS B 178 12.42 -11.91 -0.88
C CYS B 178 11.08 -12.40 -0.35
N ILE B 179 10.69 -13.60 -0.79
CA ILE B 179 9.37 -14.10 -0.44
C ILE B 179 9.24 -14.21 1.06
N GLU B 180 10.29 -14.69 1.72
CA GLU B 180 10.27 -14.95 3.15
C GLU B 180 10.63 -13.74 4.04
N ASP B 181 11.20 -12.70 3.46
CA ASP B 181 11.58 -11.50 4.21
C ASP B 181 10.36 -10.83 4.74
N LYS B 182 10.48 -10.17 5.90
CA LYS B 182 9.31 -9.54 6.48
C LYS B 182 9.16 -8.06 6.09
N ASN B 183 9.44 -7.70 4.83
CA ASN B 183 9.28 -6.35 4.34
C ASN B 183 8.84 -6.48 2.91
N PRO B 184 8.06 -5.53 2.40
CA PRO B 184 7.69 -5.59 1.01
C PRO B 184 8.91 -5.51 0.08
N CYS B 185 9.00 -6.42 -0.89
CA CYS B 185 10.23 -6.52 -1.69
C CYS B 185 9.84 -6.44 -3.15
N ILE B 186 10.65 -5.75 -3.97
CA ILE B 186 10.48 -5.79 -5.44
C ILE B 186 11.66 -6.60 -5.96
N PHE B 187 11.36 -7.64 -6.75
CA PHE B 187 12.38 -8.52 -7.32
C PHE B 187 12.35 -8.38 -8.82
N PHE B 188 13.43 -7.85 -9.41
CA PHE B 188 13.46 -7.58 -10.83
C PHE B 188 14.25 -8.66 -11.54
N GLU B 189 13.65 -9.27 -12.55
CA GLU B 189 14.20 -10.47 -13.18
C GLU B 189 14.73 -10.01 -14.50
N PRO B 190 16.04 -10.09 -14.76
CA PRO B 190 16.52 -9.63 -16.05
C PRO B 190 16.03 -10.50 -17.21
N LYS B 191 15.14 -9.98 -18.03
CA LYS B 191 14.45 -10.86 -18.97
C LYS B 191 15.32 -11.36 -20.09
N ILE B 192 16.43 -10.68 -20.37
N ILE B 192 16.41 -10.69 -20.42
CA ILE B 192 17.31 -11.13 -21.44
CA ILE B 192 17.26 -11.22 -21.49
C ILE B 192 18.07 -12.40 -21.02
C ILE B 192 17.85 -12.56 -21.06
N LEU B 193 17.92 -12.75 -19.74
CA LEU B 193 18.53 -13.99 -19.20
C LEU B 193 17.55 -15.09 -19.02
N TYR B 194 16.26 -14.87 -19.24
CA TYR B 194 15.28 -15.91 -18.94
C TYR B 194 15.58 -17.23 -19.65
N ARG B 195 15.94 -17.17 -20.93
CA ARG B 195 16.30 -18.40 -21.64
C ARG B 195 17.80 -18.58 -21.82
N ALA B 196 18.54 -17.51 -21.84
CA ALA B 196 19.95 -17.52 -22.17
C ALA B 196 20.82 -18.15 -21.09
N ALA B 197 20.61 -17.68 -19.87
CA ALA B 197 21.50 -18.07 -18.78
C ALA B 197 20.89 -19.36 -18.23
N ALA B 198 21.65 -20.47 -18.29
CA ALA B 198 21.34 -21.82 -17.67
C ALA B 198 22.50 -22.43 -16.87
N GLU B 199 22.23 -22.89 -15.67
CA GLU B 199 23.30 -23.50 -14.86
C GLU B 199 22.64 -24.41 -13.85
N GLU B 200 23.46 -25.09 -13.04
CA GLU B 200 22.92 -25.96 -12.03
C GLU B 200 22.25 -25.22 -10.90
N VAL B 201 21.05 -25.68 -10.55
CA VAL B 201 20.25 -25.03 -9.51
C VAL B 201 19.67 -26.09 -8.58
N PRO B 202 19.89 -25.99 -7.28
CA PRO B 202 19.28 -26.92 -6.33
C PRO B 202 17.75 -27.02 -6.48
N ILE B 203 17.24 -28.25 -6.47
CA ILE B 203 15.81 -28.53 -6.58
C ILE B 203 15.05 -28.10 -5.31
N GLU B 204 15.71 -28.25 -4.17
CA GLU B 204 15.08 -27.93 -2.89
C GLU B 204 15.41 -26.49 -2.54
N PRO B 205 14.60 -25.89 -1.68
CA PRO B 205 14.77 -24.50 -1.37
C PRO B 205 16.06 -24.13 -0.64
N TYR B 206 16.56 -22.92 -0.89
CA TYR B 206 17.79 -22.41 -0.28
C TYR B 206 17.67 -20.90 -0.35
N ASN B 207 18.40 -20.21 0.52
CA ASN B 207 18.39 -18.76 0.55
C ASN B 207 19.73 -18.12 0.30
N ILE B 208 19.69 -16.98 -0.38
CA ILE B 208 20.81 -16.06 -0.51
C ILE B 208 20.43 -14.79 0.23
N PRO B 209 21.29 -14.27 1.10
CA PRO B 209 20.91 -13.11 1.93
C PRO B 209 20.77 -11.84 1.12
N LEU B 210 19.80 -11.03 1.56
CA LEU B 210 19.57 -9.72 1.02
C LEU B 210 20.54 -8.76 1.68
N SER B 211 20.76 -7.63 1.03
CA SER B 211 21.62 -6.51 1.48
C SER B 211 23.04 -6.99 1.55
N GLN B 212 23.40 -7.91 0.69
CA GLN B 212 24.77 -8.54 0.68
C GLN B 212 25.27 -8.64 -0.75
N ALA B 213 26.34 -7.91 -1.06
CA ALA B 213 26.97 -7.93 -2.39
C ALA B 213 27.81 -9.22 -2.50
N GLU B 214 28.17 -9.61 -3.71
CA GLU B 214 29.05 -10.75 -3.82
C GLU B 214 30.27 -10.37 -4.63
N VAL B 215 31.45 -10.56 -4.05
CA VAL B 215 32.68 -10.42 -4.84
C VAL B 215 32.87 -11.70 -5.66
N ILE B 216 32.68 -11.63 -6.96
CA ILE B 216 32.78 -12.83 -7.77
C ILE B 216 34.16 -13.04 -8.31
N GLN B 217 35.00 -12.02 -8.29
CA GLN B 217 36.41 -12.18 -8.73
C GLN B 217 37.24 -11.24 -7.95
N GLU B 218 38.26 -11.71 -7.23
CA GLU B 218 39.11 -10.82 -6.46
C GLU B 218 40.08 -10.10 -7.39
N GLY B 219 40.46 -8.87 -7.03
CA GLY B 219 41.46 -8.16 -7.80
C GLY B 219 42.00 -7.03 -6.98
N SER B 220 43.11 -6.45 -7.43
CA SER B 220 43.83 -5.51 -6.62
C SER B 220 43.96 -4.08 -7.15
N ASP B 221 43.63 -3.85 -8.44
CA ASP B 221 43.87 -2.54 -9.07
C ASP B 221 42.66 -1.65 -9.21
N VAL B 222 41.48 -2.25 -9.39
CA VAL B 222 40.26 -1.49 -9.60
C VAL B 222 39.06 -2.35 -9.13
N THR B 223 38.05 -1.69 -8.61
CA THR B 223 36.78 -2.34 -8.23
C THR B 223 35.75 -2.01 -9.31
N LEU B 224 35.03 -3.03 -9.79
CA LEU B 224 33.93 -2.81 -10.74
C LEU B 224 32.65 -3.32 -10.11
N VAL B 225 31.58 -2.51 -10.15
CA VAL B 225 30.33 -2.87 -9.48
C VAL B 225 29.22 -2.82 -10.49
N ALA B 226 28.37 -3.84 -10.50
CA ALA B 226 27.20 -3.80 -11.35
C ALA B 226 26.19 -4.77 -10.75
N TRP B 227 25.07 -4.98 -11.45
CA TRP B 227 23.99 -5.87 -10.99
C TRP B 227 23.24 -6.36 -12.22
N GLY B 228 22.49 -7.46 -12.11
CA GLY B 228 21.74 -7.99 -13.25
C GLY B 228 22.66 -8.42 -14.40
N THR B 229 22.20 -8.31 -15.65
CA THR B 229 23.02 -8.73 -16.76
C THR B 229 24.32 -7.99 -16.82
N GLN B 230 24.35 -6.78 -16.29
CA GLN B 230 25.55 -5.98 -16.46
C GLN B 230 26.71 -6.57 -15.68
N VAL B 231 26.45 -7.46 -14.72
CA VAL B 231 27.56 -8.17 -14.06
C VAL B 231 28.40 -8.97 -15.05
N HIS B 232 27.71 -9.56 -16.03
CA HIS B 232 28.44 -10.34 -17.04
C HIS B 232 29.27 -9.45 -17.95
N VAL B 233 28.77 -8.25 -18.23
CA VAL B 233 29.55 -7.25 -18.97
C VAL B 233 30.83 -6.88 -18.22
N ILE B 234 30.75 -6.60 -16.91
CA ILE B 234 31.95 -6.17 -16.25
C ILE B 234 32.90 -7.35 -15.98
N ARG B 235 32.35 -8.56 -15.96
CA ARG B 235 33.24 -9.73 -15.83
C ARG B 235 34.11 -9.83 -17.09
N GLU B 236 33.52 -9.61 -18.24
N GLU B 236 33.50 -9.60 -18.24
CA GLU B 236 34.27 -9.60 -19.50
CA GLU B 236 34.24 -9.60 -19.51
C GLU B 236 35.25 -8.44 -19.54
C GLU B 236 35.21 -8.42 -19.59
N VAL B 237 34.83 -7.27 -19.03
CA VAL B 237 35.71 -6.10 -19.01
C VAL B 237 36.96 -6.38 -18.20
N ALA B 238 36.76 -7.11 -17.10
CA ALA B 238 37.88 -7.55 -16.25
C ALA B 238 38.87 -8.42 -16.98
N SER B 239 38.34 -9.30 -17.83
CA SER B 239 39.15 -10.18 -18.66
C SER B 239 39.90 -9.35 -19.70
N MET B 240 39.21 -8.40 -20.33
CA MET B 240 39.83 -7.50 -21.30
C MET B 240 40.93 -6.70 -20.63
N ALA B 241 40.69 -6.20 -19.42
CA ALA B 241 41.71 -5.39 -18.74
C ALA B 241 42.94 -6.19 -18.38
N LYS B 242 42.74 -7.40 -17.90
CA LYS B 242 43.88 -8.28 -17.56
C LYS B 242 44.71 -8.53 -18.77
N GLU B 243 44.06 -8.92 -19.85
CA GLU B 243 44.74 -9.26 -21.10
C GLU B 243 45.44 -8.09 -21.76
N LYS B 244 44.72 -7.00 -21.94
CA LYS B 244 45.20 -5.86 -22.71
C LYS B 244 46.05 -4.92 -21.88
N LEU B 245 45.75 -4.78 -20.60
CA LEU B 245 46.40 -3.76 -19.78
C LEU B 245 47.21 -4.30 -18.60
N GLY B 246 47.16 -5.61 -18.35
CA GLY B 246 47.82 -6.17 -17.17
C GLY B 246 47.22 -5.63 -15.88
N VAL B 247 45.92 -5.33 -15.90
CA VAL B 247 45.15 -4.74 -14.77
C VAL B 247 44.25 -5.75 -14.10
N SER B 248 44.32 -5.81 -12.76
CA SER B 248 43.64 -6.77 -11.93
C SER B 248 42.36 -6.15 -11.36
N CYS B 249 41.19 -6.66 -11.75
CA CYS B 249 39.94 -6.05 -11.36
C CYS B 249 39.21 -6.94 -10.40
N GLU B 250 38.60 -6.31 -9.40
CA GLU B 250 37.74 -6.96 -8.43
C GLU B 250 36.34 -6.75 -8.92
N VAL B 251 35.61 -7.83 -9.13
CA VAL B 251 34.31 -7.74 -9.78
C VAL B 251 33.24 -8.05 -8.74
N ILE B 252 32.31 -7.12 -8.56
CA ILE B 252 31.29 -7.23 -7.50
C ILE B 252 29.90 -7.12 -8.06
N ASP B 253 29.05 -8.10 -7.72
CA ASP B 253 27.61 -8.04 -7.99
C ASP B 253 26.91 -7.43 -6.78
N LEU B 254 26.24 -6.30 -6.95
CA LEU B 254 25.67 -5.66 -5.78
C LEU B 254 24.49 -6.45 -5.20
N ARG B 255 23.68 -7.00 -6.11
CA ARG B 255 22.49 -7.87 -5.78
C ARG B 255 21.31 -7.15 -5.20
N THR B 256 21.47 -6.51 -4.05
CA THR B 256 20.36 -5.74 -3.50
C THR B 256 20.62 -4.25 -3.65
N ILE B 257 19.65 -3.55 -4.25
CA ILE B 257 19.81 -2.11 -4.47
C ILE B 257 19.54 -1.33 -3.17
N ILE B 258 18.44 -1.65 -2.47
CA ILE B 258 18.27 -1.15 -1.08
C ILE B 258 17.64 -2.18 -0.18
N PRO B 259 18.04 -2.20 1.10
CA PRO B 259 19.23 -1.55 1.64
C PRO B 259 20.53 -2.17 1.03
N TRP B 260 21.45 -1.34 0.59
CA TRP B 260 22.61 -1.90 -0.08
C TRP B 260 23.81 -2.19 0.79
N ASP B 261 24.69 -3.06 0.31
CA ASP B 261 25.89 -3.46 1.12
C ASP B 261 27.07 -2.47 0.98
N VAL B 262 26.96 -1.36 1.70
CA VAL B 262 27.94 -0.30 1.72
C VAL B 262 29.30 -0.89 2.13
N ASP B 263 29.32 -1.73 3.16
CA ASP B 263 30.60 -2.23 3.70
C ASP B 263 31.39 -3.01 2.70
N THR B 264 30.75 -3.89 1.92
CA THR B 264 31.55 -4.73 0.96
C THR B 264 32.19 -3.88 -0.11
N ILE B 265 31.46 -2.88 -0.58
CA ILE B 265 31.96 -2.01 -1.63
C ILE B 265 33.09 -1.16 -1.12
N CYS B 266 32.91 -0.49 0.02
CA CYS B 266 34.00 0.32 0.61
C CYS B 266 35.21 -0.50 0.96
N LYS B 267 35.04 -1.71 1.46
CA LYS B 267 36.20 -2.54 1.77
C LYS B 267 37.04 -2.81 0.51
N SER B 268 36.37 -3.03 -0.61
CA SER B 268 37.03 -3.31 -1.86
C SER B 268 37.77 -2.08 -2.34
N VAL B 269 37.12 -0.92 -2.32
CA VAL B 269 37.74 0.32 -2.78
C VAL B 269 38.90 0.78 -1.87
N ILE B 270 38.77 0.57 -0.56
CA ILE B 270 39.91 0.78 0.32
C ILE B 270 41.11 -0.03 -0.16
N LYS B 271 40.85 -1.25 -0.64
CA LYS B 271 41.97 -2.07 -1.14
C LYS B 271 42.46 -1.60 -2.49
N THR B 272 41.56 -1.38 -3.45
CA THR B 272 42.01 -1.10 -4.80
C THR B 272 42.36 0.35 -5.12
N GLY B 273 41.64 1.29 -4.51
CA GLY B 273 41.84 2.70 -4.77
C GLY B 273 41.06 3.25 -5.93
N ARG B 274 40.26 2.42 -6.62
CA ARG B 274 39.64 2.87 -7.85
C ARG B 274 38.32 2.16 -8.03
N LEU B 275 37.29 2.86 -8.52
CA LEU B 275 35.99 2.27 -8.64
C LEU B 275 35.32 2.73 -9.92
N LEU B 276 34.77 1.76 -10.64
CA LEU B 276 33.85 2.01 -11.75
C LEU B 276 32.53 1.27 -11.52
N ILE B 277 31.41 2.01 -11.61
CA ILE B 277 30.08 1.43 -11.46
C ILE B 277 29.42 1.52 -12.80
N SER B 278 28.64 0.50 -13.16
CA SER B 278 27.98 0.51 -14.45
C SER B 278 26.57 0.00 -14.29
N HIS B 279 25.64 0.64 -15.01
CA HIS B 279 24.26 0.12 -15.08
C HIS B 279 23.56 0.56 -16.35
N GLU B 280 22.59 -0.23 -16.81
CA GLU B 280 21.83 0.12 -18.02
C GLU B 280 20.96 1.35 -17.85
N ALA B 281 20.48 1.62 -16.64
CA ALA B 281 19.56 2.76 -16.46
C ALA B 281 20.31 4.07 -16.76
N PRO B 282 19.58 5.13 -17.10
CA PRO B 282 20.18 6.44 -17.35
C PRO B 282 21.12 6.91 -16.27
N LEU B 283 22.12 7.67 -16.66
CA LEU B 283 23.09 8.20 -15.70
C LEU B 283 22.42 9.04 -14.60
N THR B 284 21.60 10.03 -15.00
CA THR B 284 21.28 11.10 -14.06
C THR B 284 20.21 10.55 -13.11
N GLY B 285 20.55 10.60 -11.83
CA GLY B 285 19.60 10.06 -10.83
C GLY B 285 19.69 8.55 -10.70
N GLY B 286 20.57 7.89 -11.45
CA GLY B 286 20.66 6.41 -11.40
C GLY B 286 21.32 6.01 -10.13
N PHE B 287 21.28 4.72 -9.82
CA PHE B 287 21.78 4.31 -8.52
C PHE B 287 23.31 4.40 -8.39
N ALA B 288 24.04 4.44 -9.49
CA ALA B 288 25.49 4.63 -9.40
C ALA B 288 25.79 5.92 -8.70
N SER B 289 24.93 6.92 -8.81
CA SER B 289 25.25 8.18 -8.10
C SER B 289 25.24 8.01 -6.59
N GLU B 290 24.35 7.16 -6.05
CA GLU B 290 24.37 6.91 -4.60
C GLU B 290 25.59 6.16 -4.19
N ILE B 291 26.01 5.17 -5.00
CA ILE B 291 27.21 4.41 -4.61
C ILE B 291 28.42 5.29 -4.72
N SER B 292 28.52 6.07 -5.80
CA SER B 292 29.69 6.95 -5.97
C SER B 292 29.79 7.96 -4.83
N SER B 293 28.85 8.86 -4.59
N SER B 293 28.52 8.36 -4.46
CA SER B 293 29.01 9.75 -3.37
CA SER B 293 28.09 9.37 -3.38
C SER B 293 29.36 8.89 -2.08
C SER B 293 28.75 9.02 -2.04
N THR B 294 28.64 7.79 -1.77
CA THR B 294 28.91 7.15 -0.49
C THR B 294 30.33 6.69 -0.43
N VAL B 295 30.79 6.14 -1.54
CA VAL B 295 32.17 5.63 -1.53
C VAL B 295 33.13 6.82 -1.41
N GLN B 296 32.81 7.94 -2.02
CA GLN B 296 33.69 9.11 -1.85
C GLN B 296 33.73 9.58 -0.41
N GLU B 297 32.60 9.48 0.25
CA GLU B 297 32.49 9.92 1.63
C GLU B 297 33.30 9.02 2.57
N GLU B 298 33.27 7.71 2.34
CA GLU B 298 33.91 6.74 3.22
C GLU B 298 35.36 6.40 2.87
N CYS B 299 35.74 6.61 1.62
CA CYS B 299 37.05 6.18 1.14
C CYS B 299 37.84 7.33 0.52
N PHE B 300 37.52 8.56 0.90
CA PHE B 300 38.18 9.74 0.34
C PHE B 300 39.69 9.60 0.30
N LEU B 301 40.28 9.15 1.38
CA LEU B 301 41.75 9.12 1.45
C LEU B 301 42.37 8.01 0.59
N ASN B 302 41.57 7.04 0.19
CA ASN B 302 42.08 5.86 -0.54
C ASN B 302 41.89 6.01 -2.05
N LEU B 303 41.06 6.96 -2.48
CA LEU B 303 40.74 7.12 -3.89
C LEU B 303 41.86 7.72 -4.69
N GLU B 304 42.37 6.96 -5.68
CA GLU B 304 43.46 7.48 -6.53
C GLU B 304 43.01 8.18 -7.78
N ALA B 305 41.70 8.12 -8.09
CA ALA B 305 41.21 8.61 -9.34
C ALA B 305 39.75 8.87 -9.06
N PRO B 306 39.12 9.72 -9.88
CA PRO B 306 37.70 9.91 -9.81
C PRO B 306 36.97 8.59 -10.03
N ILE B 307 35.86 8.43 -9.32
CA ILE B 307 34.97 7.30 -9.53
C ILE B 307 34.25 7.46 -10.86
N SER B 308 34.16 6.38 -11.64
CA SER B 308 33.61 6.38 -12.97
C SER B 308 32.22 5.76 -12.94
N ARG B 309 31.26 6.35 -13.68
CA ARG B 309 29.91 5.79 -13.81
C ARG B 309 29.73 5.59 -15.32
N VAL B 310 29.49 4.36 -15.76
CA VAL B 310 29.27 4.07 -17.17
C VAL B 310 27.86 3.57 -17.28
N CYS B 311 26.99 4.43 -17.79
CA CYS B 311 25.57 4.16 -17.65
C CYS B 311 24.87 4.38 -19.00
N GLY B 312 23.62 3.99 -19.08
CA GLY B 312 22.80 4.39 -20.21
C GLY B 312 22.75 5.91 -20.32
N TYR B 313 22.45 6.44 -21.52
CA TYR B 313 22.40 7.89 -21.70
C TYR B 313 21.09 8.40 -21.13
N ASP B 314 21.02 9.71 -20.95
CA ASP B 314 19.81 10.32 -20.32
C ASP B 314 18.77 10.58 -21.43
N THR B 315 18.22 9.46 -21.98
CA THR B 315 17.19 9.52 -23.01
C THR B 315 16.21 8.39 -22.65
N PRO B 316 15.05 8.35 -23.30
CA PRO B 316 14.23 7.15 -23.23
C PRO B 316 14.93 5.96 -23.94
N PHE B 317 14.46 4.73 -23.70
CA PHE B 317 15.24 3.59 -24.24
C PHE B 317 14.86 3.34 -25.70
N PRO B 318 15.77 3.49 -26.67
CA PRO B 318 15.33 3.47 -28.07
C PRO B 318 15.19 2.06 -28.69
N HIS B 319 14.37 1.96 -29.74
CA HIS B 319 14.28 0.71 -30.51
C HIS B 319 15.53 0.50 -31.40
N ILE B 320 15.63 1.22 -32.51
CA ILE B 320 16.66 0.84 -33.49
C ILE B 320 18.07 1.16 -33.00
N PHE B 321 18.18 2.08 -32.02
CA PHE B 321 19.54 2.51 -31.61
C PHE B 321 20.01 1.76 -30.40
N GLU B 322 19.30 0.72 -29.96
CA GLU B 322 19.78 0.01 -28.78
C GLU B 322 21.29 -0.28 -28.76
N PRO B 323 21.91 -0.80 -29.83
CA PRO B 323 23.33 -1.14 -29.71
C PRO B 323 24.27 0.02 -29.39
N PHE B 324 23.81 1.24 -29.65
CA PHE B 324 24.58 2.44 -29.38
C PHE B 324 24.23 3.01 -28.03
N TYR B 325 23.15 2.55 -27.42
CA TYR B 325 22.68 3.13 -26.17
C TYR B 325 23.31 2.48 -24.91
N ILE B 326 23.44 1.17 -24.94
CA ILE B 326 23.79 0.46 -23.74
C ILE B 326 25.24 0.66 -23.36
N PRO B 327 25.51 0.60 -22.06
CA PRO B 327 26.89 0.72 -21.55
C PRO B 327 27.65 -0.59 -21.72
N ASP B 328 28.04 -0.88 -22.95
CA ASP B 328 28.56 -2.20 -23.26
C ASP B 328 30.02 -2.39 -22.82
N LYS B 329 30.60 -3.55 -23.13
CA LYS B 329 31.96 -3.81 -22.67
C LYS B 329 33.02 -2.85 -23.21
N TRP B 330 32.86 -2.37 -24.44
CA TRP B 330 33.77 -1.38 -24.99
C TRP B 330 33.66 -0.05 -24.28
N LYS B 331 32.45 0.38 -23.93
CA LYS B 331 32.34 1.63 -23.20
C LYS B 331 32.90 1.54 -21.84
N CYS B 332 32.63 0.43 -21.15
CA CYS B 332 33.19 0.25 -19.81
C CYS B 332 34.68 0.10 -19.90
N TYR B 333 35.16 -0.67 -20.87
CA TYR B 333 36.61 -0.87 -20.99
C TYR B 333 37.35 0.46 -21.19
N ASP B 334 36.79 1.33 -22.04
CA ASP B 334 37.46 2.57 -22.39
C ASP B 334 37.51 3.52 -21.18
N ALA B 335 36.40 3.58 -20.44
CA ALA B 335 36.35 4.36 -19.23
C ALA B 335 37.34 3.85 -18.23
N LEU B 336 37.46 2.51 -18.14
CA LEU B 336 38.45 1.92 -17.20
C LEU B 336 39.86 2.30 -17.61
N ARG B 337 40.12 2.26 -18.90
CA ARG B 337 41.47 2.51 -19.39
C ARG B 337 41.85 3.94 -19.00
N LYS B 338 40.93 4.88 -19.18
CA LYS B 338 41.23 6.27 -18.82
C LYS B 338 41.41 6.41 -17.31
N MET B 339 40.59 5.70 -16.53
CA MET B 339 40.70 5.76 -15.06
C MET B 339 42.06 5.22 -14.58
N ILE B 340 42.50 4.10 -15.17
CA ILE B 340 43.84 3.56 -14.92
C ILE B 340 44.92 4.56 -15.33
N ASN B 341 44.75 5.29 -16.43
CA ASN B 341 45.78 6.26 -16.88
C ASN B 341 45.86 7.52 -16.03
N TYR B 342 44.80 7.77 -15.27
CA TYR B 342 44.63 9.02 -14.57
C TYR B 342 45.84 9.37 -13.68
N ALA C 1 -0.95 29.78 3.78
CA ALA C 1 -1.57 28.90 4.80
C ALA C 1 -2.76 28.12 4.22
N TYR C 2 -2.90 26.90 4.69
CA TYR C 2 -3.91 26.02 4.19
C TYR C 2 -5.27 26.51 4.67
N ARG C 3 -6.21 26.54 3.72
CA ARG C 3 -7.52 27.20 3.85
C ARG C 3 -8.64 26.20 3.55
C10 THW D . -6.74 13.77 3.96
C12 THW D . -6.71 13.30 5.27
C14 THW D . -6.31 14.16 6.27
C13 THW D . -5.88 15.45 5.95
C11 THW D . -5.88 15.93 4.65
C9 THW D . -6.33 15.06 3.66
C8 THW D . -6.32 15.51 2.20
O9 THW D . -5.38 16.36 2.10
C2 THW D . -7.59 15.35 1.47
S1 THW D . -9.25 15.02 1.81
C5 THW D . -9.96 15.47 0.28
C5A THW D . -11.49 15.47 -0.02
C5B THW D . -12.02 14.02 -0.03
O5G THW D . -13.41 14.20 -0.32
PA THW D . -14.37 12.94 -0.04
O1A THW D . -13.76 11.71 -0.49
O2A THW D . -15.72 13.34 -0.56
O3A THW D . -14.53 12.81 1.57
PB THW D . -15.09 13.88 2.69
O1B THW D . -16.32 14.60 1.94
O2B THW D . -15.62 12.97 3.78
O3B THW D . -13.96 14.71 3.22
C4 THW D . -8.85 15.81 -0.48
C4A THW D . -8.92 16.30 -1.94
N3 THW D . -7.65 15.74 0.14
C35 THW D . -6.43 15.94 -0.59
C5' THW D . -6.01 14.56 -1.30
C6' THW D . -5.90 14.55 -2.72
N1' THW D . -5.53 13.44 -3.39
C2' THW D . -5.21 12.29 -2.79
C2A THW D . -4.81 11.02 -3.56
N3' THW D . -5.35 12.21 -1.45
C4' THW D . -5.74 13.31 -0.70
N4' THW D . -5.74 13.12 0.63
K K E . -6.19 5.77 2.50
MN MN F . -17.46 14.13 0.32
CL CL G . 17.91 28.16 17.84
K K H . 8.45 -9.98 1.45
CL CL I . 10.44 -9.07 -24.33
C1 GOL J . 24.89 5.73 2.72
O1 GOL J . 25.37 6.95 2.18
C2 GOL J . 23.54 5.43 2.01
O2 GOL J . 23.78 5.16 0.63
C3 GOL J . 22.93 4.20 2.65
O3 GOL J . 21.70 3.91 1.97
C1 GOL K . -6.17 -9.60 10.68
O1 GOL K . -6.74 -10.06 9.46
C2 GOL K . -4.91 -8.86 10.26
O2 GOL K . -5.31 -7.70 9.57
C3 GOL K . -4.01 -8.58 11.45
O3 GOL K . -4.53 -7.52 12.22
#